data_3LC8
#
_entry.id   3LC8
#
_cell.length_a   47.780
_cell.length_b   112.700
_cell.length_c   175.110
_cell.angle_alpha   90.00
_cell.angle_beta   90.00
_cell.angle_gamma   90.00
#
_symmetry.space_group_name_H-M   'P 21 21 21'
#
loop_
_entity.id
_entity.type
_entity.pdbx_description
1 polymer 'Maltose-binding periplasmic protein, Renin receptor'
2 non-polymer 'TETRAETHYLENE GLYCOL'
3 non-polymer GLYCEROL
4 non-polymer 'MAGNESIUM ION'
5 water water
#
_entity_poly.entity_id   1
_entity_poly.type   'polypeptide(L)'
_entity_poly.pdbx_seq_one_letter_code
;ETEEGKLVIWINGDKGYNGLAEVGKKFEKDTGIKVTVEHPDKLEEKFPQVAATGDGPDIIFWAHDRFGGYAQSGLLAEIT
PDKAFQDKLYPFTWDAVRYNGKLIAYPIAVEALSLIYNKDLLPNPPKTWEEIPALDRELKAKGKSALMFNLQEPYFTWPL
IAADGGYAFKYENGKYDIKDVGVDNAGAKAGLTFLVDLIKNKHMNADTDYSIAEAAFNKGETAMTINGPWAWSNIDTSKV
NYGVTVLPTFKGQPSKPFVGVLSAGINAASPNKELAKEFLENYLLTDEGLEAVNKDKPLGAVALKSYEEELAKDPRIAAT
MENAQKGEIMPNIPQMSAFWYAVRTAVINAASGRQTVDEALKDAADPGYDSIIYRMTNQKIRMD
;
_entity_poly.pdbx_strand_id   A,B
#
loop_
_chem_comp.id
_chem_comp.type
_chem_comp.name
_chem_comp.formula
GOL non-polymer GLYCEROL 'C3 H8 O3'
MG non-polymer 'MAGNESIUM ION' 'Mg 2'
PG4 non-polymer 'TETRAETHYLENE GLYCOL' 'C8 H18 O5'
#
# COMPACT_ATOMS: atom_id res chain seq x y z
N GLU A 3 12.37 -7.64 33.74
CA GLU A 3 13.68 -8.19 33.28
C GLU A 3 14.78 -7.11 33.26
N GLU A 4 14.79 -6.31 34.33
CA GLU A 4 15.86 -5.35 34.64
C GLU A 4 17.22 -6.01 34.94
N GLY A 5 18.29 -5.19 34.94
CA GLY A 5 19.62 -5.60 35.36
C GLY A 5 20.59 -6.25 34.38
N LYS A 6 20.32 -6.17 33.07
CA LYS A 6 21.17 -6.83 32.07
C LYS A 6 20.97 -6.13 30.75
N LEU A 7 21.73 -6.54 29.72
CA LEU A 7 21.48 -6.00 28.39
C LEU A 7 21.36 -7.11 27.35
N VAL A 8 20.25 -7.12 26.62
CA VAL A 8 20.12 -8.03 25.51
C VAL A 8 20.20 -7.18 24.22
N ILE A 9 21.02 -7.60 23.25
CA ILE A 9 21.30 -6.77 22.09
C ILE A 9 21.00 -7.59 20.85
N TRP A 10 20.30 -6.98 19.89
CA TRP A 10 20.09 -7.61 18.61
C TRP A 10 20.89 -6.88 17.54
N ILE A 11 21.60 -7.66 16.71
CA ILE A 11 22.34 -7.14 15.56
C ILE A 11 22.21 -8.13 14.38
N ASN A 12 22.35 -7.65 13.15
CA ASN A 12 22.17 -8.53 11.98
C ASN A 12 23.33 -9.48 11.85
N GLY A 13 23.06 -10.64 11.26
CA GLY A 13 24.06 -11.68 11.14
C GLY A 13 25.21 -11.39 10.21
N ASP A 14 25.10 -10.38 9.35
CA ASP A 14 26.25 -9.98 8.49
C ASP A 14 27.15 -8.94 9.21
N LYS A 15 26.93 -8.69 10.51
CA LYS A 15 27.81 -7.76 11.24
C LYS A 15 28.73 -8.59 12.17
N GLY A 16 29.70 -7.92 12.77
CA GLY A 16 30.64 -8.59 13.72
C GLY A 16 30.08 -8.73 15.15
N TYR A 17 29.05 -9.56 15.27
CA TYR A 17 28.40 -9.92 16.56
C TYR A 17 29.31 -10.61 17.59
N ASN A 18 30.27 -11.39 17.11
CA ASN A 18 31.24 -11.96 18.04
C ASN A 18 32.14 -10.85 18.60
N GLY A 19 32.59 -9.91 17.73
CA GLY A 19 33.32 -8.76 18.26
C GLY A 19 32.53 -7.91 19.21
N LEU A 20 31.23 -7.76 18.96
CA LEU A 20 30.39 -6.95 19.83
C LEU A 20 30.19 -7.68 21.19
N ALA A 21 30.12 -9.00 21.11
CA ALA A 21 30.17 -9.88 22.29
C ALA A 21 31.39 -9.66 23.20
N GLU A 22 32.58 -9.46 22.61
CA GLU A 22 33.76 -9.12 23.39
C GLU A 22 33.60 -7.78 24.12
N VAL A 23 32.94 -6.79 23.50
CA VAL A 23 32.67 -5.50 24.19
C VAL A 23 31.71 -5.72 25.34
N GLY A 24 30.71 -6.56 25.11
CA GLY A 24 29.77 -7.03 26.18
C GLY A 24 30.48 -7.72 27.37
N LYS A 25 31.48 -8.53 27.06
CA LYS A 25 32.31 -9.18 28.09
C LYS A 25 33.14 -8.18 28.93
N LYS A 26 33.79 -7.19 28.26
CA LYS A 26 34.45 -6.09 28.94
C LYS A 26 33.50 -5.29 29.87
N PHE A 27 32.33 -4.89 29.34
CA PHE A 27 31.31 -4.23 30.14
C PHE A 27 30.93 -5.07 31.38
N GLU A 28 30.73 -6.38 31.21
CA GLU A 28 30.50 -7.30 32.36
C GLU A 28 31.65 -7.41 33.39
N LYS A 29 32.90 -7.50 32.92
CA LYS A 29 34.07 -7.48 33.82
C LYS A 29 34.02 -6.22 34.71
N ASP A 30 33.73 -5.06 34.12
CA ASP A 30 33.77 -3.81 34.89
C ASP A 30 32.56 -3.58 35.75
N THR A 31 31.38 -3.96 35.27
CA THR A 31 30.13 -3.60 35.95
C THR A 31 29.38 -4.76 36.62
N GLY A 32 29.71 -5.99 36.21
CA GLY A 32 28.99 -7.17 36.64
C GLY A 32 27.66 -7.34 35.94
N ILE A 33 27.37 -6.50 34.94
CA ILE A 33 26.12 -6.61 34.19
C ILE A 33 26.30 -7.56 32.98
N LYS A 34 25.44 -8.58 32.87
CA LYS A 34 25.59 -9.54 31.76
C LYS A 34 25.01 -8.99 30.46
N VAL A 35 25.77 -9.08 29.38
CA VAL A 35 25.38 -8.56 28.06
C VAL A 35 25.24 -9.76 27.12
N THR A 36 24.05 -9.98 26.57
CA THR A 36 23.94 -11.08 25.62
C THR A 36 23.64 -10.54 24.20
N VAL A 37 24.47 -10.93 23.25
CA VAL A 37 24.29 -10.50 21.86
C VAL A 37 23.63 -11.62 21.06
N GLU A 38 22.53 -11.30 20.37
CA GLU A 38 21.88 -12.27 19.47
C GLU A 38 21.81 -11.71 18.07
N HIS A 39 21.80 -12.62 17.11
CA HIS A 39 21.62 -12.28 15.71
C HIS A 39 20.43 -13.02 15.10
N PRO A 40 19.18 -12.63 15.45
CA PRO A 40 18.02 -13.34 14.88
C PRO A 40 17.84 -13.08 13.38
N ASP A 41 17.41 -14.11 12.66
CA ASP A 41 16.84 -13.95 11.31
C ASP A 41 15.69 -12.99 11.40
N LYS A 42 15.54 -12.04 10.45
CA LYS A 42 14.36 -11.14 10.39
C LYS A 42 14.20 -10.25 11.58
N LEU A 43 15.32 -9.80 12.15
CA LEU A 43 15.20 -9.10 13.42
C LEU A 43 14.39 -7.80 13.28
N GLU A 44 14.44 -7.15 12.11
CA GLU A 44 13.77 -5.87 11.95
C GLU A 44 12.22 -5.99 11.81
N GLU A 45 11.77 -7.17 11.38
CA GLU A 45 10.33 -7.53 11.41
C GLU A 45 9.92 -8.02 12.78
N LYS A 46 10.79 -8.81 13.43
CA LYS A 46 10.48 -9.31 14.76
C LYS A 46 10.40 -8.26 15.83
N PHE A 47 11.23 -7.19 15.75
CA PHE A 47 11.30 -6.19 16.83
C PHE A 47 9.97 -5.44 17.14
N PRO A 48 9.23 -4.99 16.11
CA PRO A 48 7.95 -4.38 16.48
C PRO A 48 6.93 -5.40 16.99
N GLN A 49 6.95 -6.63 16.47
CA GLN A 49 6.10 -7.70 17.00
C GLN A 49 6.29 -7.92 18.52
N VAL A 50 7.55 -8.01 18.97
CA VAL A 50 7.84 -8.32 20.36
C VAL A 50 7.91 -7.12 21.28
N ALA A 51 8.35 -5.97 20.80
CA ALA A 51 8.42 -4.78 21.66
C ALA A 51 7.05 -4.19 21.93
N ALA A 52 6.19 -4.16 20.90
CA ALA A 52 4.85 -3.53 21.00
C ALA A 52 4.05 -4.11 22.17
N THR A 53 4.39 -5.36 22.54
CA THR A 53 4.00 -5.96 23.82
C THR A 53 5.20 -5.91 24.79
N GLY A 54 5.70 -4.68 25.02
CA GLY A 54 6.80 -4.41 25.97
C GLY A 54 7.88 -5.45 26.22
N ASP A 55 8.07 -6.41 25.31
CA ASP A 55 9.23 -7.34 25.36
C ASP A 55 10.34 -6.91 24.36
N GLY A 56 11.23 -7.85 23.97
CA GLY A 56 12.27 -7.57 22.97
C GLY A 56 13.63 -7.32 23.59
N PRO A 57 14.66 -7.01 22.74
CA PRO A 57 15.98 -6.69 23.30
C PRO A 57 15.99 -5.32 23.99
N ASP A 58 17.05 -4.99 24.72
CA ASP A 58 17.19 -3.64 25.23
C ASP A 58 17.77 -2.71 24.17
N ILE A 59 18.62 -3.23 23.31
CA ILE A 59 19.22 -2.48 22.24
C ILE A 59 19.13 -3.21 20.90
N ILE A 60 18.78 -2.47 19.84
CA ILE A 60 18.69 -3.06 18.51
C ILE A 60 19.58 -2.25 17.53
N PHE A 61 20.33 -2.97 16.71
CA PHE A 61 21.17 -2.36 15.66
C PHE A 61 20.52 -2.66 14.31
N TRP A 62 20.25 -1.62 13.53
CA TRP A 62 19.73 -1.70 12.19
C TRP A 62 20.00 -0.38 11.41
N ALA A 63 19.83 -0.39 10.10
CA ALA A 63 19.82 0.83 9.26
C ALA A 63 18.86 1.88 9.86
N HIS A 64 19.32 3.13 9.97
CA HIS A 64 18.55 4.29 10.50
C HIS A 64 17.21 4.47 9.89
N ASP A 65 17.02 4.00 8.66
CA ASP A 65 15.79 4.42 8.00
C ASP A 65 14.57 3.67 8.53
N ARG A 66 14.75 2.41 8.93
CA ARG A 66 13.73 1.63 9.63
C ARG A 66 13.30 2.25 11.00
N PHE A 67 14.21 2.98 11.64
CA PHE A 67 13.95 3.50 12.99
C PHE A 67 12.90 4.58 13.05
N GLY A 68 12.73 5.35 11.95
CA GLY A 68 11.57 6.26 11.78
C GLY A 68 10.23 5.60 12.01
N GLY A 69 10.02 4.49 11.32
CA GLY A 69 8.93 3.52 11.56
C GLY A 69 8.72 3.15 13.03
N TYR A 70 9.78 2.63 13.66
CA TYR A 70 9.75 2.30 15.10
C TYR A 70 9.39 3.48 16.00
N ALA A 71 10.01 4.64 15.76
CA ALA A 71 9.77 5.79 16.61
C ALA A 71 8.34 6.31 16.50
N GLN A 72 7.81 6.30 15.26
CA GLN A 72 6.40 6.62 14.94
C GLN A 72 5.44 5.76 15.78
N SER A 73 5.80 4.50 16.01
CA SER A 73 5.04 3.57 16.88
C SER A 73 5.42 3.68 18.36
N GLY A 74 6.27 4.63 18.70
CA GLY A 74 6.63 4.86 20.08
C GLY A 74 7.50 3.74 20.67
N LEU A 75 8.20 2.98 19.82
CA LEU A 75 8.94 1.79 20.30
C LEU A 75 10.38 2.09 20.75
N LEU A 76 10.88 3.29 20.46
CA LEU A 76 12.28 3.62 20.84
C LEU A 76 12.34 4.77 21.84
N ALA A 77 13.20 4.65 22.83
CA ALA A 77 13.50 5.77 23.76
C ALA A 77 14.26 6.98 23.14
N GLU A 78 13.96 8.21 23.62
CA GLU A 78 14.81 9.35 23.27
C GLU A 78 16.16 9.09 23.89
N ILE A 79 17.22 9.17 23.10
CA ILE A 79 18.56 9.03 23.70
C ILE A 79 19.02 10.39 24.20
N THR A 80 19.98 10.42 25.12
CA THR A 80 20.37 11.64 25.80
C THR A 80 21.89 11.89 25.91
N PRO A 81 22.64 11.67 24.80
CA PRO A 81 24.09 12.01 24.91
C PRO A 81 24.26 13.53 25.18
N ASP A 82 25.24 13.92 25.96
CA ASP A 82 25.55 15.35 26.16
C ASP A 82 26.29 15.92 24.91
N LYS A 83 26.51 17.23 24.87
CA LYS A 83 27.16 17.87 23.72
C LYS A 83 28.58 17.36 23.50
N ALA A 84 29.28 17.07 24.59
CA ALA A 84 30.64 16.53 24.49
C ALA A 84 30.66 15.17 23.80
N PHE A 85 29.68 14.31 24.10
CA PHE A 85 29.58 13.04 23.38
C PHE A 85 29.19 13.27 21.90
N GLN A 86 28.24 14.16 21.65
CA GLN A 86 27.78 14.33 20.26
C GLN A 86 28.87 14.88 19.38
N ASP A 87 29.70 15.72 19.97
CA ASP A 87 30.90 16.27 19.30
C ASP A 87 31.93 15.23 18.79
N LYS A 88 31.91 14.00 19.35
CA LYS A 88 32.82 12.95 18.89
C LYS A 88 32.43 12.29 17.56
N LEU A 89 31.18 12.44 17.15
CA LEU A 89 30.68 11.87 15.88
C LEU A 89 30.50 12.98 14.87
N TYR A 90 30.66 12.64 13.56
CA TYR A 90 30.32 13.59 12.50
C TYR A 90 28.87 14.14 12.61
N PRO A 91 28.70 15.47 12.48
CA PRO A 91 27.37 16.08 12.66
C PRO A 91 26.33 15.56 11.73
N PHE A 92 26.74 15.21 10.49
CA PHE A 92 25.73 14.77 9.55
C PHE A 92 25.13 13.47 9.94
N THR A 93 25.86 12.68 10.76
CA THR A 93 25.29 11.39 11.26
C THR A 93 24.15 11.53 12.24
N TRP A 94 24.18 12.58 13.05
CA TRP A 94 23.12 12.85 14.04
C TRP A 94 21.84 13.12 13.37
N ASP A 95 21.95 13.69 12.16
CA ASP A 95 20.78 13.97 11.31
C ASP A 95 19.99 12.79 10.94
N ALA A 96 20.66 11.64 10.81
CA ALA A 96 19.98 10.44 10.38
C ALA A 96 19.11 9.78 11.46
N VAL A 97 19.32 10.17 12.71
CA VAL A 97 18.73 9.46 13.88
C VAL A 97 17.84 10.44 14.72
N ARG A 98 17.23 11.36 13.98
CA ARG A 98 16.25 12.36 14.46
C ARG A 98 14.86 12.04 13.93
N TYR A 99 13.89 12.06 14.82
CA TYR A 99 12.51 11.88 14.45
C TYR A 99 11.66 12.81 15.36
N ASN A 100 10.87 13.68 14.75
CA ASN A 100 10.23 14.80 15.50
C ASN A 100 11.17 15.64 16.37
N GLY A 101 12.33 15.98 15.83
CA GLY A 101 13.34 16.74 16.57
C GLY A 101 13.99 16.06 17.78
N LYS A 102 13.84 14.76 17.91
CA LYS A 102 14.41 14.06 19.05
C LYS A 102 15.33 12.99 18.52
N LEU A 103 16.48 12.84 19.16
CA LEU A 103 17.42 11.74 18.91
C LEU A 103 16.88 10.44 19.40
N ILE A 104 16.88 9.46 18.49
CA ILE A 104 16.29 8.18 18.75
C ILE A 104 17.25 6.98 18.57
N ALA A 105 18.54 7.19 18.32
CA ALA A 105 19.48 6.11 18.18
C ALA A 105 20.89 6.72 18.07
N TYR A 106 21.92 5.90 18.30
CA TYR A 106 23.31 6.32 18.21
C TYR A 106 23.80 5.87 16.83
N PRO A 107 24.38 6.78 16.06
CA PRO A 107 24.97 6.33 14.77
C PRO A 107 26.26 5.51 15.00
N ILE A 108 26.47 4.46 14.21
CA ILE A 108 27.59 3.55 14.35
C ILE A 108 28.43 3.58 13.08
N ALA A 109 27.81 3.27 11.95
CA ALA A 109 28.60 3.19 10.68
C ALA A 109 27.84 3.86 9.52
N VAL A 110 28.55 4.31 8.51
CA VAL A 110 27.96 4.96 7.37
C VAL A 110 28.31 4.31 6.02
N GLU A 111 27.30 4.15 5.19
CA GLU A 111 27.47 3.43 3.92
C GLU A 111 26.92 4.29 2.77
N ALA A 112 27.64 4.39 1.63
CA ALA A 112 27.11 5.07 0.44
C ALA A 112 27.81 4.47 -0.78
N LEU A 113 27.22 4.66 -1.97
CA LEU A 113 27.88 4.21 -3.21
C LEU A 113 29.12 5.01 -3.47
N SER A 114 30.10 4.37 -4.09
CA SER A 114 31.25 5.02 -4.70
C SER A 114 31.49 4.54 -6.13
N LEU A 115 32.47 5.18 -6.78
CA LEU A 115 32.83 4.78 -8.11
C LEU A 115 33.95 3.77 -7.97
N ILE A 116 33.79 2.58 -8.53
CA ILE A 116 34.81 1.50 -8.41
C ILE A 116 35.45 1.38 -9.80
N TYR A 117 36.78 1.47 -9.88
CA TYR A 117 37.42 1.42 -11.17
C TYR A 117 38.53 0.38 -11.26
N ASN A 118 38.78 -0.09 -12.48
CA ASN A 118 39.78 -1.11 -12.75
C ASN A 118 41.07 -0.31 -13.08
N LYS A 119 41.99 -0.28 -12.13
CA LYS A 119 43.26 0.47 -12.24
C LYS A 119 44.18 0.05 -13.40
N ASP A 120 44.14 -1.22 -13.81
CA ASP A 120 44.84 -1.70 -15.03
C ASP A 120 44.20 -1.15 -16.32
N LEU A 121 42.87 -1.17 -16.44
CA LEU A 121 42.25 -0.59 -17.64
C LEU A 121 42.24 0.96 -17.64
N LEU A 122 42.17 1.54 -16.44
CA LEU A 122 41.85 2.96 -16.26
C LEU A 122 42.61 3.50 -15.06
N PRO A 123 43.88 3.83 -15.24
CA PRO A 123 44.62 4.31 -14.07
C PRO A 123 44.17 5.70 -13.60
N ASN A 124 43.68 6.54 -14.50
CA ASN A 124 43.18 7.88 -14.09
C ASN A 124 41.65 8.00 -14.34
N PRO A 125 40.82 7.63 -13.35
CA PRO A 125 39.39 7.57 -13.69
C PRO A 125 38.76 8.98 -13.95
N PRO A 126 37.57 9.08 -14.59
CA PRO A 126 37.04 10.43 -14.88
C PRO A 126 36.46 11.15 -13.67
N LYS A 127 36.69 12.45 -13.60
CA LYS A 127 36.11 13.25 -12.56
C LYS A 127 34.73 13.72 -12.93
N THR A 128 34.35 13.60 -14.20
CA THR A 128 33.01 14.05 -14.64
C THR A 128 32.23 12.99 -15.38
N TRP A 129 30.89 13.04 -15.21
CA TRP A 129 29.98 12.22 -16.05
C TRP A 129 30.14 12.64 -17.51
N GLU A 130 30.30 13.95 -17.76
CA GLU A 130 30.29 14.42 -19.18
C GLU A 130 31.42 13.78 -19.99
N GLU A 131 32.45 13.28 -19.28
CA GLU A 131 33.63 12.73 -19.95
C GLU A 131 33.39 11.32 -20.36
N ILE A 132 32.41 10.65 -19.74
CA ILE A 132 32.33 9.19 -19.94
C ILE A 132 32.07 8.74 -21.40
N PRO A 133 31.19 9.43 -22.14
CA PRO A 133 31.05 8.93 -23.54
C PRO A 133 32.39 8.83 -24.36
N ALA A 134 33.25 9.83 -24.28
CA ALA A 134 34.50 9.82 -25.05
C ALA A 134 35.37 8.74 -24.51
N LEU A 135 35.42 8.62 -23.19
CA LEU A 135 36.10 7.48 -22.58
C LEU A 135 35.58 6.14 -23.13
N ASP A 136 34.28 6.01 -23.27
CA ASP A 136 33.69 4.77 -23.75
C ASP A 136 34.12 4.38 -25.17
N ARG A 137 34.17 5.36 -26.03
CA ARG A 137 34.70 5.22 -27.37
C ARG A 137 36.12 4.65 -27.40
N GLU A 138 36.99 5.18 -26.55
CA GLU A 138 38.39 4.73 -26.47
C GLU A 138 38.46 3.30 -25.99
N LEU A 139 37.73 3.02 -24.94
CA LEU A 139 37.68 1.63 -24.46
C LEU A 139 37.07 0.59 -25.45
N LYS A 140 35.97 0.97 -26.12
CA LYS A 140 35.35 0.12 -27.17
C LYS A 140 36.33 -0.28 -28.30
N ALA A 141 37.24 0.61 -28.63
CA ALA A 141 38.38 0.34 -29.52
C ALA A 141 39.37 -0.70 -28.96
N LYS A 142 39.40 -0.87 -27.64
CA LYS A 142 40.18 -1.94 -26.99
C LYS A 142 39.35 -3.19 -26.65
N GLY A 143 38.13 -3.31 -27.14
CA GLY A 143 37.30 -4.45 -26.79
C GLY A 143 36.68 -4.38 -25.39
N LYS A 144 36.59 -3.18 -24.80
CA LYS A 144 36.10 -3.05 -23.41
C LYS A 144 34.99 -2.02 -23.38
N SER A 145 34.42 -1.73 -22.20
CA SER A 145 33.50 -0.62 -22.12
C SER A 145 33.86 0.27 -20.88
N ALA A 146 33.38 1.53 -20.88
CA ALA A 146 33.72 2.47 -19.80
C ALA A 146 32.99 2.15 -18.51
N LEU A 147 31.66 1.96 -18.59
CA LEU A 147 30.84 1.88 -17.37
C LEU A 147 29.66 0.88 -17.40
N MET A 148 29.56 0.03 -16.37
CA MET A 148 28.33 -0.74 -16.16
C MET A 148 27.88 -0.68 -14.71
N PHE A 149 26.62 -0.38 -14.48
CA PHE A 149 26.07 -0.47 -13.15
C PHE A 149 24.59 -0.83 -13.17
N ASN A 150 24.07 -1.23 -12.01
CA ASN A 150 22.66 -1.64 -11.95
C ASN A 150 21.65 -0.51 -12.35
N LEU A 151 21.00 -0.60 -13.52
CA LEU A 151 19.97 0.41 -13.90
C LEU A 151 18.54 -0.02 -13.55
N GLN A 152 18.37 -1.23 -13.04
CA GLN A 152 17.03 -1.70 -12.66
C GLN A 152 16.56 -1.17 -11.28
N GLU A 153 17.50 -0.74 -10.43
CA GLU A 153 17.11 -0.25 -9.11
C GLU A 153 17.48 1.25 -8.98
N PRO A 154 16.52 2.13 -8.71
CA PRO A 154 16.80 3.58 -8.76
C PRO A 154 17.77 4.06 -7.69
N TYR A 155 18.01 3.27 -6.63
CA TYR A 155 19.09 3.57 -5.66
C TYR A 155 20.44 3.88 -6.37
N PHE A 156 20.73 3.14 -7.45
CA PHE A 156 22.07 3.22 -8.13
C PHE A 156 22.15 4.40 -9.08
N THR A 157 20.99 4.77 -9.59
CA THR A 157 20.85 5.89 -10.56
C THR A 157 20.61 7.21 -9.86
N TRP A 158 20.10 7.16 -8.62
CA TRP A 158 19.81 8.40 -7.84
C TRP A 158 20.95 9.42 -7.72
N PRO A 159 22.21 8.98 -7.46
CA PRO A 159 23.27 9.95 -7.31
C PRO A 159 23.37 10.95 -8.48
N LEU A 160 23.23 10.46 -9.72
CA LEU A 160 23.20 11.33 -10.90
C LEU A 160 21.94 12.20 -10.99
N ILE A 161 20.77 11.60 -10.71
CA ILE A 161 19.47 12.36 -10.64
C ILE A 161 19.52 13.54 -9.70
N ALA A 162 20.13 13.38 -8.52
CA ALA A 162 20.21 14.48 -7.51
C ALA A 162 21.30 15.48 -7.75
N ALA A 163 22.26 15.20 -8.63
CA ALA A 163 23.46 16.02 -8.71
C ALA A 163 23.11 17.49 -9.01
N ASP A 164 22.32 17.75 -10.04
CA ASP A 164 21.99 19.19 -10.44
C ASP A 164 20.77 19.76 -9.68
N GLY A 165 20.35 19.11 -8.58
CA GLY A 165 19.33 19.72 -7.69
C GLY A 165 18.07 18.89 -7.46
N GLY A 166 18.02 17.71 -8.03
CA GLY A 166 16.92 16.79 -7.76
C GLY A 166 16.95 16.33 -6.29
N TYR A 167 15.79 16.10 -5.70
CA TYR A 167 15.70 15.61 -4.36
C TYR A 167 14.43 14.82 -4.22
N ALA A 168 14.28 14.14 -3.12
CA ALA A 168 13.10 13.32 -2.89
C ALA A 168 12.09 14.25 -2.17
N PHE A 169 12.29 14.48 -0.88
CA PHE A 169 11.40 15.24 -0.02
C PHE A 169 12.17 16.34 0.65
N LYS A 170 11.69 17.58 0.49
CA LYS A 170 12.48 18.71 1.00
C LYS A 170 12.80 18.50 2.47
N TYR A 171 14.04 18.75 2.84
CA TYR A 171 14.49 18.53 4.21
C TYR A 171 14.98 19.87 4.81
N GLU A 172 14.27 20.36 5.83
CA GLU A 172 14.45 21.70 6.41
C GLU A 172 14.07 21.78 7.91
N ASN A 173 15.03 22.18 8.74
CA ASN A 173 14.83 22.22 10.21
C ASN A 173 14.71 20.85 10.88
N GLY A 174 15.33 19.85 10.28
CA GLY A 174 15.17 18.48 10.77
C GLY A 174 13.81 17.87 10.41
N LYS A 175 13.12 18.38 9.40
CA LYS A 175 11.87 17.72 8.98
C LYS A 175 11.72 17.65 7.49
N TYR A 176 11.18 16.52 7.05
CA TYR A 176 10.86 16.26 5.67
C TYR A 176 9.48 16.83 5.41
N ASP A 177 9.38 17.73 4.44
CA ASP A 177 8.08 18.18 3.94
C ASP A 177 7.61 17.24 2.81
N ILE A 178 6.66 16.37 3.12
CA ILE A 178 6.17 15.40 2.11
C ILE A 178 5.27 16.04 1.04
N LYS A 179 4.83 17.27 1.29
CA LYS A 179 4.14 18.03 0.27
C LYS A 179 5.08 18.53 -0.84
N ASP A 180 6.38 18.61 -0.54
CA ASP A 180 7.37 19.24 -1.41
C ASP A 180 8.37 18.24 -2.00
N VAL A 181 8.01 17.69 -3.16
CA VAL A 181 8.78 16.64 -3.82
C VAL A 181 9.66 17.29 -4.91
N GLY A 182 10.90 16.85 -5.01
CA GLY A 182 11.83 17.49 -5.99
C GLY A 182 12.16 16.57 -7.15
N VAL A 183 11.40 15.47 -7.31
CA VAL A 183 11.84 14.43 -8.22
C VAL A 183 11.59 14.70 -9.68
N ASP A 184 10.79 15.71 -9.95
CA ASP A 184 10.55 16.13 -11.31
C ASP A 184 11.02 17.58 -11.56
N ASN A 185 11.93 18.13 -10.74
CA ASN A 185 12.40 19.52 -10.99
C ASN A 185 13.45 19.54 -12.11
N ALA A 186 13.95 20.70 -12.51
CA ALA A 186 14.83 20.76 -13.64
C ALA A 186 16.13 19.96 -13.43
N GLY A 187 16.65 19.98 -12.22
CA GLY A 187 17.84 19.13 -11.87
C GLY A 187 17.66 17.63 -12.08
N ALA A 188 16.54 17.07 -11.56
CA ALA A 188 16.25 15.68 -11.73
C ALA A 188 16.10 15.31 -13.20
N LYS A 189 15.37 16.13 -13.98
CA LYS A 189 15.24 15.91 -15.41
C LYS A 189 16.57 15.95 -16.12
N ALA A 190 17.43 16.92 -15.81
CA ALA A 190 18.75 16.91 -16.46
C ALA A 190 19.56 15.66 -16.15
N GLY A 191 19.56 15.20 -14.89
CA GLY A 191 20.35 13.97 -14.58
C GLY A 191 19.79 12.74 -15.30
N LEU A 192 18.47 12.62 -15.34
CA LEU A 192 17.92 11.45 -15.93
C LEU A 192 18.06 11.49 -17.43
N THR A 193 17.86 12.66 -18.03
CA THR A 193 18.15 12.79 -19.44
C THR A 193 19.56 12.41 -19.78
N PHE A 194 20.52 12.84 -18.96
CA PHE A 194 21.92 12.33 -19.21
C PHE A 194 22.04 10.78 -19.23
N LEU A 195 21.43 10.11 -18.24
CA LEU A 195 21.41 8.62 -18.21
C LEU A 195 20.74 8.00 -19.48
N VAL A 196 19.56 8.50 -19.83
CA VAL A 196 18.83 8.07 -21.05
C VAL A 196 19.68 8.25 -22.29
N ASP A 197 20.32 9.42 -22.46
CA ASP A 197 21.27 9.62 -23.58
C ASP A 197 22.42 8.61 -23.58
N LEU A 198 23.04 8.33 -22.42
CA LEU A 198 24.04 7.29 -22.39
C LEU A 198 23.52 5.98 -23.00
N ILE A 199 22.34 5.54 -22.59
CA ILE A 199 21.71 4.35 -23.14
C ILE A 199 21.39 4.51 -24.63
N LYS A 200 20.75 5.62 -25.02
CA LYS A 200 20.44 5.86 -26.46
C LYS A 200 21.72 5.75 -27.31
N ASN A 201 22.85 6.20 -26.73
CA ASN A 201 24.12 6.27 -27.47
C ASN A 201 24.96 5.04 -27.32
N LYS A 202 24.35 4.01 -26.74
CA LYS A 202 24.95 2.69 -26.59
C LYS A 202 26.18 2.68 -25.70
N HIS A 203 26.33 3.65 -24.79
CA HIS A 203 27.42 3.51 -23.74
C HIS A 203 27.00 2.63 -22.57
N MET A 204 25.68 2.48 -22.39
CA MET A 204 25.09 1.52 -21.47
C MET A 204 23.86 0.87 -22.13
N ASN A 205 23.37 -0.20 -21.50
CA ASN A 205 22.23 -1.05 -21.95
C ASN A 205 21.10 -1.00 -20.89
N ALA A 206 19.88 -0.60 -21.27
CA ALA A 206 18.72 -0.47 -20.33
C ALA A 206 18.45 -1.73 -19.49
N ASP A 207 18.84 -2.88 -20.03
CA ASP A 207 18.58 -4.17 -19.39
C ASP A 207 19.60 -4.49 -18.27
N THR A 208 20.67 -3.71 -18.15
CA THR A 208 21.73 -4.12 -17.18
C THR A 208 21.22 -4.11 -15.77
N ASP A 209 21.50 -5.16 -15.03
CA ASP A 209 21.08 -5.28 -13.63
C ASP A 209 22.28 -5.58 -12.72
N TYR A 210 22.02 -5.91 -11.45
CA TYR A 210 23.08 -5.95 -10.46
C TYR A 210 24.09 -7.05 -10.79
N SER A 211 23.57 -8.25 -11.06
CA SER A 211 24.46 -9.35 -11.36
C SER A 211 25.18 -9.24 -12.72
N ILE A 212 24.56 -8.66 -13.75
CA ILE A 212 25.25 -8.42 -15.06
C ILE A 212 26.39 -7.45 -14.84
N ALA A 213 26.14 -6.35 -14.15
CA ALA A 213 27.20 -5.34 -13.95
C ALA A 213 28.31 -5.88 -13.06
N GLU A 214 27.96 -6.57 -11.97
CA GLU A 214 29.00 -7.17 -11.15
C GLU A 214 29.84 -8.18 -11.94
N ALA A 215 29.20 -9.01 -12.77
CA ALA A 215 29.92 -9.98 -13.62
C ALA A 215 30.90 -9.32 -14.56
N ALA A 216 30.45 -8.24 -15.21
CA ALA A 216 31.32 -7.55 -16.17
C ALA A 216 32.53 -6.88 -15.49
N PHE A 217 32.30 -6.22 -14.36
CA PHE A 217 33.39 -5.60 -13.66
C PHE A 217 34.37 -6.65 -13.17
N ASN A 218 33.82 -7.70 -12.56
CA ASN A 218 34.71 -8.67 -11.89
C ASN A 218 35.53 -9.60 -12.86
N LYS A 219 35.08 -9.71 -14.12
CA LYS A 219 35.82 -10.41 -15.19
C LYS A 219 36.62 -9.45 -16.10
N GLY A 220 36.69 -8.17 -15.72
CA GLY A 220 37.58 -7.19 -16.38
C GLY A 220 37.11 -6.73 -17.76
N GLU A 221 35.82 -6.77 -17.97
CA GLU A 221 35.20 -6.39 -19.23
C GLU A 221 34.75 -4.94 -19.31
N THR A 222 34.51 -4.31 -18.16
CA THR A 222 34.19 -2.87 -18.13
C THR A 222 35.13 -2.12 -17.13
N ALA A 223 35.45 -0.84 -17.39
CA ALA A 223 36.50 -0.21 -16.60
C ALA A 223 35.98 0.34 -15.26
N MET A 224 34.66 0.37 -15.09
CA MET A 224 34.05 1.08 -13.93
C MET A 224 32.71 0.45 -13.62
N THR A 225 32.33 0.55 -12.34
CA THR A 225 31.00 0.22 -11.93
C THR A 225 30.69 1.13 -10.80
N ILE A 226 29.41 1.20 -10.41
CA ILE A 226 28.99 2.01 -9.28
C ILE A 226 28.43 0.98 -8.26
N ASN A 227 29.01 0.92 -7.06
CA ASN A 227 28.54 0.00 -6.04
C ASN A 227 28.97 0.41 -4.66
N GLY A 228 28.56 -0.41 -3.68
CA GLY A 228 28.90 -0.11 -2.27
C GLY A 228 29.84 -1.14 -1.61
N PRO A 229 30.23 -0.88 -0.37
CA PRO A 229 31.26 -1.73 0.28
C PRO A 229 30.83 -3.20 0.42
N TRP A 230 29.53 -3.48 0.36
CA TRP A 230 29.02 -4.87 0.34
C TRP A 230 29.53 -5.66 -0.86
N ALA A 231 30.00 -4.96 -1.91
CA ALA A 231 30.54 -5.58 -3.13
C ALA A 231 32.03 -5.86 -3.12
N TRP A 232 32.78 -5.25 -2.21
CA TRP A 232 34.23 -5.33 -2.27
C TRP A 232 34.75 -6.80 -2.17
N SER A 233 34.12 -7.62 -1.33
CA SER A 233 34.79 -8.89 -1.02
C SER A 233 34.69 -9.81 -2.23
N ASN A 234 33.60 -9.68 -3.01
CA ASN A 234 33.53 -10.34 -4.31
C ASN A 234 34.58 -9.86 -5.33
N ILE A 235 34.89 -8.55 -5.37
CA ILE A 235 35.98 -8.06 -6.24
C ILE A 235 37.38 -8.53 -5.74
N ASP A 236 37.59 -8.55 -4.44
CA ASP A 236 38.79 -9.22 -3.86
C ASP A 236 38.94 -10.67 -4.37
N THR A 237 37.87 -11.48 -4.35
CA THR A 237 37.95 -12.89 -4.86
C THR A 237 38.38 -12.94 -6.35
N SER A 238 37.89 -11.99 -7.14
CA SER A 238 38.16 -11.91 -8.60
C SER A 238 39.60 -11.55 -9.02
N LYS A 239 40.38 -11.06 -8.07
CA LYS A 239 41.73 -10.54 -8.37
C LYS A 239 41.84 -9.27 -9.25
N VAL A 240 40.75 -8.71 -9.73
CA VAL A 240 40.85 -7.38 -10.39
C VAL A 240 41.65 -6.37 -9.52
N ASN A 241 42.59 -5.63 -10.11
CA ASN A 241 43.25 -4.53 -9.42
C ASN A 241 42.33 -3.31 -9.43
N TYR A 242 41.46 -3.23 -8.43
CA TYR A 242 40.52 -2.11 -8.40
C TYR A 242 40.86 -0.98 -7.40
N GLY A 243 40.35 0.21 -7.70
CA GLY A 243 40.32 1.26 -6.69
C GLY A 243 38.89 1.74 -6.44
N VAL A 244 38.70 2.57 -5.40
CA VAL A 244 37.38 3.06 -5.05
C VAL A 244 37.53 4.55 -4.83
N THR A 245 36.66 5.37 -5.47
CA THR A 245 36.91 6.82 -5.49
C THR A 245 35.61 7.62 -5.48
N VAL A 246 35.78 8.91 -5.48
CA VAL A 246 34.69 9.88 -5.58
C VAL A 246 33.84 9.67 -6.81
N LEU A 247 32.51 9.74 -6.65
CA LEU A 247 31.65 9.62 -7.87
C LEU A 247 31.89 10.79 -8.84
N PRO A 248 31.66 10.57 -10.16
CA PRO A 248 31.91 11.79 -11.02
C PRO A 248 30.98 12.96 -10.74
N THR A 249 31.37 14.19 -11.11
CA THR A 249 30.43 15.31 -11.00
C THR A 249 29.51 15.35 -12.24
N PHE A 250 28.39 16.00 -12.06
CA PHE A 250 27.54 16.30 -13.20
C PHE A 250 27.19 17.77 -13.14
N LYS A 251 27.33 18.42 -14.27
CA LYS A 251 27.19 19.89 -14.41
C LYS A 251 27.99 20.60 -13.34
N GLY A 252 29.18 20.04 -13.08
CA GLY A 252 30.14 20.61 -12.16
C GLY A 252 29.81 20.43 -10.70
N GLN A 253 28.74 19.67 -10.38
CA GLN A 253 28.27 19.51 -9.02
C GLN A 253 28.39 18.01 -8.59
N PRO A 254 28.62 17.75 -7.29
CA PRO A 254 28.85 16.33 -6.91
C PRO A 254 27.65 15.41 -7.08
N SER A 255 27.90 14.14 -7.45
CA SER A 255 26.83 13.15 -7.38
C SER A 255 26.50 12.93 -5.91
N LYS A 256 25.21 12.69 -5.62
CA LYS A 256 24.70 12.72 -4.25
C LYS A 256 24.02 11.38 -3.95
N PRO A 257 24.81 10.35 -3.58
CA PRO A 257 24.20 9.07 -3.17
C PRO A 257 23.46 9.18 -1.84
N PHE A 258 22.43 8.34 -1.64
CA PHE A 258 21.70 8.31 -0.35
C PHE A 258 22.56 7.53 0.67
N VAL A 259 22.54 8.00 1.91
CA VAL A 259 23.47 7.45 2.93
C VAL A 259 22.70 6.60 3.89
N GLY A 260 23.22 5.41 4.18
CA GLY A 260 22.53 4.51 5.17
C GLY A 260 23.43 4.52 6.39
N VAL A 261 22.83 4.77 7.55
CA VAL A 261 23.56 4.90 8.82
C VAL A 261 23.22 3.69 9.77
N LEU A 262 24.15 2.74 9.90
CA LEU A 262 23.87 1.64 10.87
C LEU A 262 23.81 2.31 12.25
N SER A 263 22.76 2.02 13.02
CA SER A 263 22.44 2.82 14.24
C SER A 263 21.99 1.90 15.38
N ALA A 264 22.13 2.36 16.62
CA ALA A 264 21.75 1.49 17.75
C ALA A 264 20.67 2.21 18.54
N GLY A 265 19.47 1.64 18.64
CA GLY A 265 18.37 2.35 19.34
C GLY A 265 18.06 1.65 20.67
N ILE A 266 17.44 2.35 21.60
CA ILE A 266 17.09 1.81 22.91
C ILE A 266 15.56 1.55 22.97
N ASN A 267 15.20 0.32 23.33
CA ASN A 267 13.79 -0.14 23.34
C ASN A 267 13.11 0.72 24.44
N ALA A 268 12.08 1.49 24.06
CA ALA A 268 11.23 2.33 24.95
C ALA A 268 10.72 1.56 26.20
N ALA A 269 10.54 0.25 26.04
CA ALA A 269 10.10 -0.60 27.13
C ALA A 269 11.23 -1.24 27.93
N SER A 270 12.49 -0.92 27.62
CA SER A 270 13.58 -1.44 28.44
C SER A 270 13.64 -0.82 29.85
N PRO A 271 13.82 -1.65 30.89
CA PRO A 271 13.99 -1.04 32.21
C PRO A 271 15.46 -0.80 32.42
N ASN A 272 16.26 -0.98 31.35
CA ASN A 272 17.73 -0.88 31.44
C ASN A 272 18.27 0.27 30.60
N LYS A 273 17.56 1.40 30.57
CA LYS A 273 17.95 2.49 29.64
C LYS A 273 19.26 3.16 30.02
N GLU A 274 19.58 3.16 31.32
CA GLU A 274 20.75 3.88 31.77
C GLU A 274 22.00 3.07 31.50
N LEU A 275 21.91 1.77 31.77
CA LEU A 275 22.93 0.82 31.40
C LEU A 275 23.22 0.86 29.88
N ALA A 276 22.15 0.92 29.08
CA ALA A 276 22.26 0.96 27.58
C ALA A 276 23.04 2.18 27.15
N LYS A 277 22.73 3.34 27.73
CA LYS A 277 23.50 4.59 27.46
C LYS A 277 24.98 4.49 27.83
N GLU A 278 25.27 4.03 29.04
CA GLU A 278 26.66 3.82 29.49
C GLU A 278 27.43 2.83 28.60
N PHE A 279 26.83 1.66 28.30
CA PHE A 279 27.42 0.68 27.43
C PHE A 279 27.73 1.30 26.04
N LEU A 280 26.75 1.97 25.44
CA LEU A 280 26.93 2.48 24.06
C LEU A 280 27.90 3.62 23.97
N GLU A 281 27.85 4.52 24.97
CA GLU A 281 28.70 5.72 24.97
C GLU A 281 30.08 5.44 25.46
N ASN A 282 30.23 4.55 26.44
CA ASN A 282 31.51 4.42 27.07
C ASN A 282 32.28 3.14 26.73
N TYR A 283 31.61 2.12 26.14
CA TYR A 283 32.25 0.89 25.74
C TYR A 283 32.25 0.68 24.21
N LEU A 284 31.10 0.86 23.55
CA LEU A 284 31.03 0.50 22.13
C LEU A 284 31.59 1.69 21.28
N LEU A 285 31.10 2.90 21.53
CA LEU A 285 31.43 4.03 20.69
C LEU A 285 32.71 4.68 21.17
N THR A 286 33.81 3.91 21.12
CA THR A 286 35.15 4.40 21.41
C THR A 286 36.05 3.68 20.44
N ASP A 287 37.34 4.04 20.40
CA ASP A 287 38.17 3.38 19.40
C ASP A 287 38.30 1.87 19.69
N GLU A 288 38.38 1.53 20.95
CA GLU A 288 38.58 0.13 21.33
C GLU A 288 37.34 -0.71 21.02
N GLY A 289 36.19 -0.11 21.27
CA GLY A 289 34.94 -0.83 21.06
C GLY A 289 34.63 -1.06 19.59
N LEU A 290 34.76 -0.01 18.76
CA LEU A 290 34.54 -0.21 17.35
C LEU A 290 35.56 -1.13 16.75
N GLU A 291 36.82 -1.08 17.18
CA GLU A 291 37.81 -1.95 16.61
C GLU A 291 37.52 -3.43 16.94
N ALA A 292 37.02 -3.71 18.14
CA ALA A 292 36.65 -5.09 18.52
C ALA A 292 35.61 -5.62 17.53
N VAL A 293 34.68 -4.75 17.11
CA VAL A 293 33.66 -5.18 16.18
C VAL A 293 34.26 -5.31 14.78
N ASN A 294 34.95 -4.23 14.34
CA ASN A 294 35.61 -4.18 13.03
C ASN A 294 36.56 -5.37 12.74
N LYS A 295 37.33 -5.76 13.79
CA LYS A 295 38.30 -6.88 13.78
C LYS A 295 37.60 -8.11 13.29
N ASP A 296 36.37 -8.30 13.75
CA ASP A 296 35.55 -9.47 13.41
C ASP A 296 34.94 -9.37 11.96
N LYS A 297 34.12 -8.33 11.69
CA LYS A 297 33.79 -7.97 10.32
C LYS A 297 33.85 -6.45 10.17
N PRO A 298 34.53 -5.98 9.10
CA PRO A 298 34.72 -4.54 8.88
C PRO A 298 33.40 -3.76 8.84
N LEU A 299 33.34 -2.71 9.65
CA LEU A 299 32.19 -1.83 9.72
C LEU A 299 32.12 -0.86 8.51
N GLY A 300 33.23 -0.66 7.80
CA GLY A 300 33.24 0.33 6.66
C GLY A 300 33.65 1.64 7.28
N ALA A 301 32.99 2.76 6.88
CA ALA A 301 33.28 4.08 7.38
C ALA A 301 32.49 4.16 8.66
N VAL A 302 33.03 4.82 9.69
CA VAL A 302 32.31 4.86 10.98
C VAL A 302 31.96 6.32 11.34
N ALA A 303 31.02 6.46 12.28
CA ALA A 303 30.57 7.79 12.65
C ALA A 303 31.49 8.45 13.68
N LEU A 304 32.31 7.64 14.35
CA LEU A 304 33.08 8.18 15.49
C LEU A 304 34.37 8.79 14.84
N LYS A 305 34.63 10.07 15.02
CA LYS A 305 35.59 10.75 14.12
C LYS A 305 36.96 10.16 14.33
N SER A 306 37.33 9.95 15.59
CA SER A 306 38.73 9.48 15.93
C SER A 306 38.99 8.10 15.26
N TYR A 307 38.00 7.22 15.28
CA TYR A 307 38.25 5.90 14.67
C TYR A 307 38.15 5.92 13.15
N GLU A 308 37.23 6.73 12.63
CA GLU A 308 37.14 6.92 11.14
C GLU A 308 38.48 7.43 10.59
N GLU A 309 39.07 8.39 11.28
CA GLU A 309 40.39 8.93 10.82
C GLU A 309 41.44 7.85 10.72
N GLU A 310 41.44 6.93 11.69
CA GLU A 310 42.31 5.73 11.65
C GLU A 310 42.00 4.82 10.47
N LEU A 311 40.74 4.52 10.26
CA LEU A 311 40.34 3.57 9.23
C LEU A 311 40.49 4.15 7.80
N ALA A 312 40.35 5.46 7.68
CA ALA A 312 40.43 6.14 6.38
C ALA A 312 41.85 6.19 5.74
N LYS A 313 42.86 5.59 6.40
CA LYS A 313 44.15 5.28 5.76
C LYS A 313 43.88 4.37 4.56
N ASP A 314 42.79 3.59 4.62
CA ASP A 314 42.35 2.76 3.46
C ASP A 314 41.55 3.72 2.55
N PRO A 315 42.09 4.04 1.36
CA PRO A 315 41.43 5.06 0.47
C PRO A 315 39.99 4.60 0.09
N ARG A 316 39.70 3.30 0.15
CA ARG A 316 38.32 2.78 -0.21
C ARG A 316 37.29 3.29 0.81
N ILE A 317 37.73 3.33 2.07
CA ILE A 317 36.91 3.76 3.20
C ILE A 317 36.85 5.28 3.24
N ALA A 318 37.94 5.94 2.93
CA ALA A 318 37.93 7.38 2.76
C ALA A 318 36.97 7.86 1.68
N ALA A 319 36.95 7.12 0.56
CA ALA A 319 36.03 7.41 -0.51
C ALA A 319 34.56 7.19 -0.12
N THR A 320 34.24 6.12 0.60
CA THR A 320 32.91 5.89 1.10
C THR A 320 32.50 7.12 1.89
N MET A 321 33.33 7.53 2.82
CA MET A 321 32.95 8.73 3.63
C MET A 321 32.79 10.00 2.81
N GLU A 322 33.71 10.18 1.88
CA GLU A 322 33.63 11.29 0.96
C GLU A 322 32.37 11.29 0.13
N ASN A 323 31.99 10.20 -0.51
CA ASN A 323 30.69 10.20 -1.21
C ASN A 323 29.51 10.43 -0.20
N ALA A 324 29.62 9.80 0.99
CA ALA A 324 28.52 9.98 1.97
C ALA A 324 28.30 11.47 2.38
N GLN A 325 29.38 12.18 2.64
CA GLN A 325 29.26 13.60 3.03
C GLN A 325 28.75 14.51 1.89
N LYS A 326 28.96 14.05 0.65
CA LYS A 326 28.42 14.74 -0.53
C LYS A 326 27.02 14.37 -0.88
N GLY A 327 26.53 13.29 -0.29
CA GLY A 327 25.19 12.85 -0.57
C GLY A 327 24.18 13.30 0.46
N GLU A 328 23.09 12.57 0.57
CA GLU A 328 22.07 12.96 1.55
C GLU A 328 21.67 11.71 2.36
N ILE A 329 21.28 11.93 3.58
CA ILE A 329 20.70 10.88 4.39
C ILE A 329 19.46 10.24 3.74
N MET A 330 19.37 8.89 3.68
CA MET A 330 18.08 8.24 3.23
C MET A 330 16.95 8.73 4.18
N PRO A 331 15.82 9.24 3.62
CA PRO A 331 14.82 9.69 4.61
C PRO A 331 14.23 8.55 5.47
N ASN A 332 13.98 8.80 6.74
CA ASN A 332 13.48 7.67 7.57
C ASN A 332 11.95 7.64 7.72
N ILE A 333 11.25 8.15 6.73
CA ILE A 333 9.83 8.31 6.80
C ILE A 333 9.18 7.15 6.04
N PRO A 334 7.97 6.74 6.46
CA PRO A 334 7.33 5.51 5.87
C PRO A 334 6.99 5.72 4.36
N GLN A 335 6.80 6.98 3.96
CA GLN A 335 6.55 7.34 2.53
C GLN A 335 7.65 7.00 1.49
N MET A 336 8.86 6.63 1.96
CA MET A 336 9.96 6.34 1.02
C MET A 336 9.68 5.12 0.21
N SER A 337 8.98 4.16 0.79
CA SER A 337 8.81 2.95 0.02
C SER A 337 7.83 3.15 -1.15
N ALA A 338 6.78 3.95 -0.99
CA ALA A 338 5.91 4.33 -2.17
C ALA A 338 6.72 5.16 -3.20
N PHE A 339 7.58 6.02 -2.69
CA PHE A 339 8.37 6.94 -3.57
C PHE A 339 9.32 6.10 -4.40
N TRP A 340 10.06 5.20 -3.76
CA TRP A 340 11.01 4.35 -4.51
C TRP A 340 10.34 3.46 -5.56
N TYR A 341 9.12 3.05 -5.28
CA TYR A 341 8.40 2.24 -6.25
C TYR A 341 8.06 3.09 -7.49
N ALA A 342 7.62 4.32 -7.29
CA ALA A 342 7.27 5.20 -8.40
C ALA A 342 8.50 5.64 -9.25
N VAL A 343 9.60 5.93 -8.55
CA VAL A 343 10.82 6.30 -9.24
C VAL A 343 11.39 5.13 -9.99
N ARG A 344 11.28 3.94 -9.44
CA ARG A 344 11.82 2.79 -10.14
C ARG A 344 11.12 2.62 -11.51
N THR A 345 9.81 2.71 -11.52
CA THR A 345 9.05 2.67 -12.80
C THR A 345 9.48 3.82 -13.75
N ALA A 346 9.63 5.01 -13.19
CA ALA A 346 10.01 6.17 -13.98
C ALA A 346 11.33 5.91 -14.71
N VAL A 347 12.35 5.46 -13.96
CA VAL A 347 13.66 5.26 -14.58
C VAL A 347 13.60 4.16 -15.63
N ILE A 348 12.91 3.04 -15.32
CA ILE A 348 12.77 1.95 -16.32
C ILE A 348 12.01 2.46 -17.58
N ASN A 349 10.88 3.13 -17.39
CA ASN A 349 10.12 3.66 -18.55
C ASN A 349 10.90 4.71 -19.36
N ALA A 350 11.67 5.58 -18.69
CA ALA A 350 12.42 6.58 -19.46
C ALA A 350 13.57 5.93 -20.25
N ALA A 351 14.24 4.98 -19.62
CA ALA A 351 15.35 4.28 -20.27
C ALA A 351 14.93 3.36 -21.40
N SER A 352 13.69 2.90 -21.40
CA SER A 352 13.23 2.05 -22.51
C SER A 352 12.66 2.81 -23.71
N GLY A 353 12.34 4.10 -23.54
CA GLY A 353 11.59 4.84 -24.54
C GLY A 353 10.07 4.79 -24.33
N ARG A 354 9.60 3.93 -23.43
CA ARG A 354 8.18 3.84 -23.10
C ARG A 354 7.54 5.17 -22.65
N GLN A 355 8.31 5.99 -21.92
CA GLN A 355 7.87 7.30 -21.48
C GLN A 355 9.02 8.29 -21.74
N THR A 356 8.69 9.55 -21.99
CA THR A 356 9.77 10.52 -22.01
C THR A 356 10.18 10.83 -20.56
N VAL A 357 11.40 11.37 -20.41
CA VAL A 357 11.89 11.83 -19.10
C VAL A 357 10.89 12.72 -18.38
N ASP A 358 10.36 13.74 -19.06
CA ASP A 358 9.43 14.66 -18.40
C ASP A 358 8.14 13.98 -17.92
N GLU A 359 7.62 13.06 -18.71
CA GLU A 359 6.38 12.27 -18.38
C GLU A 359 6.63 11.31 -17.22
N ALA A 360 7.64 10.48 -17.40
CA ALA A 360 8.17 9.56 -16.40
C ALA A 360 8.28 10.21 -15.02
N LEU A 361 9.05 11.33 -14.93
CA LEU A 361 9.24 11.95 -13.64
C LEU A 361 8.03 12.71 -13.07
N LYS A 362 7.22 13.29 -13.95
CA LYS A 362 6.02 13.97 -13.44
C LYS A 362 5.17 12.87 -12.73
N ASP A 363 5.04 11.72 -13.36
CA ASP A 363 4.36 10.58 -12.74
C ASP A 363 4.94 10.11 -11.35
N ALA A 364 6.27 10.19 -11.18
CA ALA A 364 6.88 9.84 -9.92
C ALA A 364 6.59 10.88 -8.83
N ALA A 365 6.49 12.15 -9.19
CA ALA A 365 6.32 13.20 -8.20
C ALA A 365 4.89 13.20 -7.70
N ASP A 366 3.96 12.86 -8.61
CA ASP A 366 2.52 12.96 -8.39
C ASP A 366 1.94 11.57 -8.62
N PRO A 367 2.10 10.65 -7.63
CA PRO A 367 1.91 9.25 -7.93
C PRO A 367 0.44 8.84 -8.10
N GLY A 368 -0.48 9.57 -7.48
CA GLY A 368 -1.90 9.15 -7.42
C GLY A 368 -1.97 7.86 -6.64
N TYR A 369 -2.65 6.87 -7.24
CA TYR A 369 -2.89 5.55 -6.65
C TYR A 369 -1.83 4.57 -7.10
N ASP A 370 -0.81 5.06 -7.80
CA ASP A 370 0.12 4.15 -8.50
C ASP A 370 1.02 3.30 -7.63
N SER A 371 1.32 3.85 -6.44
CA SER A 371 2.11 3.14 -5.45
C SER A 371 1.30 2.23 -4.45
N ILE A 372 0.00 2.08 -4.67
CA ILE A 372 -0.77 1.04 -3.96
C ILE A 372 -0.84 -0.18 -4.88
N ILE A 373 -0.07 -1.17 -4.49
CA ILE A 373 0.00 -2.39 -5.25
C ILE A 373 -0.97 -3.32 -4.48
N TYR A 374 -1.70 -4.19 -5.16
CA TYR A 374 -1.20 -4.95 -6.29
C TYR A 374 -2.09 -4.84 -7.53
N GLU B 4 -12.55 -34.74 -6.17
CA GLU B 4 -12.59 -35.67 -7.36
C GLU B 4 -13.79 -36.64 -7.36
N GLY B 5 -14.82 -36.30 -8.15
CA GLY B 5 -16.09 -37.01 -8.08
C GLY B 5 -16.87 -36.49 -6.89
N LYS B 6 -16.54 -35.28 -6.45
CA LYS B 6 -17.31 -34.59 -5.41
C LYS B 6 -17.31 -33.05 -5.59
N LEU B 7 -18.16 -32.38 -4.83
CA LEU B 7 -18.11 -30.93 -4.78
C LEU B 7 -18.08 -30.41 -3.36
N VAL B 8 -17.12 -29.56 -3.08
CA VAL B 8 -17.05 -28.92 -1.79
C VAL B 8 -17.31 -27.45 -2.02
N ILE B 9 -18.30 -26.92 -1.32
CA ILE B 9 -18.67 -25.53 -1.51
C ILE B 9 -18.40 -24.72 -0.24
N TRP B 10 -17.78 -23.54 -0.40
CA TRP B 10 -17.63 -22.58 0.70
C TRP B 10 -18.60 -21.45 0.46
N ILE B 11 -19.32 -21.08 1.52
CA ILE B 11 -20.22 -19.94 1.51
C ILE B 11 -20.16 -19.36 2.93
N ASN B 12 -20.52 -18.09 3.12
CA ASN B 12 -20.42 -17.47 4.43
C ASN B 12 -21.59 -17.91 5.33
N GLY B 13 -21.33 -18.02 6.64
CA GLY B 13 -22.40 -18.45 7.59
C GLY B 13 -23.62 -17.54 7.62
N ASP B 14 -23.49 -16.30 7.16
CA ASP B 14 -24.65 -15.43 7.17
C ASP B 14 -25.65 -15.70 6.02
N LYS B 15 -25.35 -16.68 5.15
CA LYS B 15 -26.21 -16.93 3.98
C LYS B 15 -27.02 -18.21 4.21
N GLY B 16 -27.92 -18.54 3.30
CA GLY B 16 -28.78 -19.73 3.54
C GLY B 16 -28.12 -21.07 3.25
N TYR B 17 -27.07 -21.40 4.00
CA TYR B 17 -26.24 -22.55 3.67
C TYR B 17 -26.97 -23.88 3.82
N ASN B 18 -27.93 -23.94 4.73
CA ASN B 18 -28.74 -25.15 4.87
C ASN B 18 -29.64 -25.36 3.64
N GLY B 19 -30.20 -24.26 3.13
CA GLY B 19 -30.98 -24.21 1.86
C GLY B 19 -30.12 -24.64 0.68
N LEU B 20 -28.91 -24.11 0.62
CA LEU B 20 -27.89 -24.64 -0.32
C LEU B 20 -27.54 -26.12 -0.13
N ALA B 21 -27.39 -26.60 1.11
CA ALA B 21 -27.09 -28.01 1.28
C ALA B 21 -28.26 -28.88 0.77
N GLU B 22 -29.47 -28.34 0.79
CA GLU B 22 -30.62 -29.12 0.26
C GLU B 22 -30.59 -29.22 -1.27
N VAL B 23 -30.10 -28.18 -1.94
CA VAL B 23 -29.89 -28.24 -3.42
C VAL B 23 -28.82 -29.30 -3.75
N GLY B 24 -27.79 -29.32 -2.92
CA GLY B 24 -26.73 -30.34 -3.01
C GLY B 24 -27.23 -31.78 -2.91
N LYS B 25 -28.20 -31.99 -2.02
CA LYS B 25 -28.81 -33.32 -1.89
C LYS B 25 -29.53 -33.76 -3.16
N LYS B 26 -30.26 -32.83 -3.75
CA LYS B 26 -30.95 -33.05 -5.00
C LYS B 26 -29.98 -33.42 -6.14
N PHE B 27 -28.83 -32.72 -6.18
CA PHE B 27 -27.73 -33.10 -7.08
C PHE B 27 -27.23 -34.52 -6.83
N GLU B 28 -27.06 -34.91 -5.58
CA GLU B 28 -26.64 -36.29 -5.25
C GLU B 28 -27.68 -37.31 -5.73
N LYS B 29 -28.96 -37.02 -5.50
CA LYS B 29 -30.01 -37.99 -5.84
C LYS B 29 -29.92 -38.30 -7.34
N ASP B 30 -29.67 -37.27 -8.14
CA ASP B 30 -29.69 -37.39 -9.59
C ASP B 30 -28.41 -37.97 -10.15
N THR B 31 -27.29 -37.71 -9.49
CA THR B 31 -25.99 -37.96 -10.10
C THR B 31 -25.09 -38.87 -9.28
N GLY B 32 -25.43 -39.12 -8.02
CA GLY B 32 -24.53 -39.88 -7.18
C GLY B 32 -23.34 -39.07 -6.67
N ILE B 33 -23.30 -37.77 -6.94
CA ILE B 33 -22.16 -36.96 -6.52
C ILE B 33 -22.47 -36.32 -5.15
N LYS B 34 -21.61 -36.56 -4.16
CA LYS B 34 -21.83 -35.97 -2.82
C LYS B 34 -21.48 -34.47 -2.81
N VAL B 35 -22.39 -33.63 -2.34
CA VAL B 35 -22.12 -32.18 -2.22
C VAL B 35 -22.04 -31.71 -0.75
N THR B 36 -20.91 -31.11 -0.39
CA THR B 36 -20.62 -30.72 0.99
C THR B 36 -20.56 -29.19 1.12
N VAL B 37 -21.45 -28.58 1.90
CA VAL B 37 -21.45 -27.12 2.10
C VAL B 37 -20.72 -26.75 3.44
N GLU B 38 -19.61 -26.01 3.34
CA GLU B 38 -18.90 -25.52 4.54
C GLU B 38 -18.95 -24.00 4.63
N HIS B 39 -18.90 -23.50 5.87
CA HIS B 39 -18.90 -22.08 6.13
C HIS B 39 -17.70 -21.67 7.02
N PRO B 40 -16.46 -21.93 6.54
CA PRO B 40 -15.30 -21.65 7.41
C PRO B 40 -15.24 -20.16 7.78
N ASP B 41 -14.61 -19.86 8.90
CA ASP B 41 -14.49 -18.48 9.35
C ASP B 41 -13.45 -17.82 8.45
N LYS B 42 -13.70 -16.56 8.04
CA LYS B 42 -12.78 -15.82 7.12
C LYS B 42 -12.42 -16.66 5.88
N LEU B 43 -13.44 -17.20 5.22
CA LEU B 43 -13.23 -18.06 4.04
C LEU B 43 -12.55 -17.26 2.93
N GLU B 44 -12.80 -15.96 2.90
CA GLU B 44 -12.28 -15.10 1.84
C GLU B 44 -10.78 -14.82 1.98
N GLU B 45 -10.27 -15.00 3.20
CA GLU B 45 -8.85 -14.90 3.44
C GLU B 45 -8.22 -16.28 3.31
N LYS B 46 -8.96 -17.32 3.69
CA LYS B 46 -8.46 -18.68 3.61
C LYS B 46 -8.28 -19.15 2.14
N PHE B 47 -9.28 -18.86 1.30
CA PHE B 47 -9.30 -19.30 -0.09
C PHE B 47 -7.98 -19.04 -0.81
N PRO B 48 -7.50 -17.77 -0.79
CA PRO B 48 -6.29 -17.51 -1.53
C PRO B 48 -5.07 -18.23 -0.93
N GLN B 49 -5.07 -18.49 0.38
CA GLN B 49 -4.00 -19.28 0.99
C GLN B 49 -4.01 -20.73 0.49
N VAL B 50 -5.15 -21.39 0.50
CA VAL B 50 -5.19 -22.83 0.26
C VAL B 50 -5.35 -23.24 -1.20
N ALA B 51 -5.73 -22.30 -2.05
CA ALA B 51 -5.79 -22.61 -3.48
C ALA B 51 -4.37 -22.61 -4.06
N ALA B 52 -3.36 -22.63 -3.16
CA ALA B 52 -1.94 -22.73 -3.50
C ALA B 52 -1.32 -24.04 -2.99
N THR B 53 -1.88 -24.59 -1.90
CA THR B 53 -1.59 -25.97 -1.50
C THR B 53 -2.47 -26.90 -2.35
N GLY B 54 -2.68 -26.49 -3.60
CA GLY B 54 -3.59 -27.20 -4.52
C GLY B 54 -5.03 -27.32 -4.03
N ASP B 55 -5.19 -27.51 -2.70
CA ASP B 55 -6.45 -27.62 -1.93
C ASP B 55 -7.53 -26.52 -2.25
N GLY B 56 -8.47 -26.35 -1.32
CA GLY B 56 -9.54 -25.36 -1.42
C GLY B 56 -10.80 -25.99 -1.96
N PRO B 57 -11.95 -25.28 -1.82
CA PRO B 57 -13.25 -25.79 -2.24
C PRO B 57 -13.29 -25.90 -3.77
N ASP B 58 -14.28 -26.60 -4.31
CA ASP B 58 -14.56 -26.57 -5.75
C ASP B 58 -15.26 -25.25 -6.12
N ILE B 59 -16.17 -24.81 -5.26
CA ILE B 59 -16.90 -23.58 -5.54
C ILE B 59 -16.83 -22.67 -4.35
N ILE B 60 -16.73 -21.36 -4.59
CA ILE B 60 -16.69 -20.41 -3.47
C ILE B 60 -17.70 -19.34 -3.79
N PHE B 61 -18.51 -19.01 -2.78
CA PHE B 61 -19.51 -17.96 -2.88
C PHE B 61 -18.99 -16.76 -2.11
N TRP B 62 -18.93 -15.60 -2.77
CA TRP B 62 -18.53 -14.34 -2.09
C TRP B 62 -18.96 -13.18 -2.91
N ALA B 63 -18.97 -11.98 -2.32
CA ALA B 63 -19.10 -10.71 -3.06
C ALA B 63 -18.16 -10.65 -4.27
N HIS B 64 -18.65 -10.07 -5.38
CA HIS B 64 -17.93 -10.13 -6.66
C HIS B 64 -16.62 -9.32 -6.56
N ASP B 65 -16.58 -8.30 -5.72
CA ASP B 65 -15.43 -7.38 -5.79
C ASP B 65 -14.09 -8.04 -5.35
N ARG B 66 -14.17 -8.99 -4.41
CA ARG B 66 -13.01 -9.79 -4.00
C ARG B 66 -12.51 -10.78 -5.06
N PHE B 67 -13.42 -11.20 -5.95
CA PHE B 67 -13.06 -12.02 -7.09
C PHE B 67 -12.04 -11.45 -8.08
N GLY B 68 -11.99 -10.14 -8.30
CA GLY B 68 -11.00 -9.59 -9.23
C GLY B 68 -9.57 -9.91 -8.76
N GLY B 69 -9.33 -9.72 -7.46
CA GLY B 69 -8.10 -10.16 -6.76
C GLY B 69 -7.80 -11.64 -6.98
N TYR B 70 -8.80 -12.52 -6.89
CA TYR B 70 -8.59 -13.97 -7.09
C TYR B 70 -8.28 -14.26 -8.54
N ALA B 71 -8.97 -13.58 -9.43
CA ALA B 71 -8.71 -13.80 -10.86
C ALA B 71 -7.31 -13.31 -11.29
N GLN B 72 -6.86 -12.21 -10.68
CA GLN B 72 -5.52 -11.64 -10.92
C GLN B 72 -4.43 -12.63 -10.57
N SER B 73 -4.64 -13.40 -9.49
CA SER B 73 -3.75 -14.46 -9.04
C SER B 73 -3.95 -15.82 -9.67
N GLY B 74 -4.90 -15.94 -10.63
CA GLY B 74 -5.09 -17.16 -11.42
C GLY B 74 -5.85 -18.24 -10.65
N LEU B 75 -6.61 -17.86 -9.61
CA LEU B 75 -7.27 -18.82 -8.71
C LEU B 75 -8.68 -19.27 -9.14
N LEU B 76 -9.28 -18.57 -10.11
CA LEU B 76 -10.65 -18.94 -10.56
C LEU B 76 -10.61 -19.45 -11.97
N ALA B 77 -11.43 -20.44 -12.29
CA ALA B 77 -11.52 -20.83 -13.69
C ALA B 77 -12.39 -19.84 -14.51
N GLU B 78 -12.11 -19.74 -15.82
CA GLU B 78 -13.06 -19.05 -16.70
C GLU B 78 -14.33 -19.91 -16.72
N ILE B 79 -15.50 -19.29 -16.54
CA ILE B 79 -16.74 -20.09 -16.61
C ILE B 79 -17.23 -20.05 -18.06
N THR B 80 -18.01 -21.06 -18.45
CA THR B 80 -18.44 -21.18 -19.83
C THR B 80 -19.95 -21.38 -20.06
N PRO B 81 -20.85 -20.51 -19.53
CA PRO B 81 -22.30 -20.67 -19.85
C PRO B 81 -22.56 -20.36 -21.36
N ASP B 82 -23.45 -21.11 -22.05
CA ASP B 82 -23.91 -20.79 -23.39
C ASP B 82 -24.79 -19.56 -23.33
N LYS B 83 -25.16 -19.04 -24.49
CA LYS B 83 -25.81 -17.76 -24.54
C LYS B 83 -27.25 -17.84 -24.02
N ALA B 84 -27.87 -18.97 -24.27
CA ALA B 84 -29.14 -19.32 -23.67
C ALA B 84 -29.10 -19.21 -22.13
N PHE B 85 -28.05 -19.68 -21.49
CA PHE B 85 -28.01 -19.56 -20.04
C PHE B 85 -27.78 -18.12 -19.63
N GLN B 86 -26.85 -17.44 -20.32
CA GLN B 86 -26.55 -16.01 -20.10
C GLN B 86 -27.79 -15.11 -20.15
N ASP B 87 -28.64 -15.35 -21.14
CA ASP B 87 -29.96 -14.74 -21.25
C ASP B 87 -30.87 -14.93 -20.02
N LYS B 88 -30.64 -15.94 -19.19
CA LYS B 88 -31.51 -16.12 -18.03
C LYS B 88 -31.23 -15.10 -16.89
N LEU B 89 -30.08 -14.42 -16.94
CA LEU B 89 -29.67 -13.51 -15.83
C LEU B 89 -29.64 -12.09 -16.29
N TYR B 90 -29.93 -11.10 -15.40
CA TYR B 90 -29.80 -9.70 -15.83
C TYR B 90 -28.45 -9.38 -16.43
N PRO B 91 -28.46 -8.69 -17.59
CA PRO B 91 -27.20 -8.35 -18.24
C PRO B 91 -26.23 -7.63 -17.33
N PHE B 92 -26.73 -6.76 -16.44
CA PHE B 92 -25.73 -5.97 -15.71
C PHE B 92 -24.98 -6.80 -14.66
N THR B 93 -25.61 -7.85 -14.17
CA THR B 93 -24.94 -8.72 -13.23
C THR B 93 -23.74 -9.44 -13.89
N TRP B 94 -23.83 -9.83 -15.17
CA TRP B 94 -22.65 -10.44 -15.86
C TRP B 94 -21.46 -9.50 -15.86
N ASP B 95 -21.71 -8.18 -15.83
CA ASP B 95 -20.63 -7.18 -15.89
C ASP B 95 -19.83 -7.21 -14.62
N ALA B 96 -20.49 -7.50 -13.47
CA ALA B 96 -19.82 -7.73 -12.19
C ALA B 96 -18.81 -8.80 -12.16
N VAL B 97 -18.90 -9.82 -13.03
CA VAL B 97 -18.07 -11.00 -12.85
C VAL B 97 -17.16 -11.17 -14.05
N ARG B 98 -16.85 -10.06 -14.74
CA ARG B 98 -15.83 -10.03 -15.80
C ARG B 98 -14.52 -9.58 -15.22
N TYR B 99 -13.45 -10.29 -15.58
CA TYR B 99 -12.10 -9.82 -15.26
C TYR B 99 -11.25 -10.07 -16.52
N ASN B 100 -10.63 -8.99 -17.00
CA ASN B 100 -9.92 -8.98 -18.27
C ASN B 100 -10.70 -9.58 -19.42
N GLY B 101 -11.95 -9.18 -19.59
CA GLY B 101 -12.73 -9.72 -20.68
C GLY B 101 -13.48 -11.01 -20.42
N LYS B 102 -12.99 -11.80 -19.47
CA LYS B 102 -13.43 -13.20 -19.28
C LYS B 102 -14.43 -13.36 -18.07
N LEU B 103 -15.51 -14.13 -18.25
CA LEU B 103 -16.42 -14.38 -17.13
C LEU B 103 -15.74 -15.30 -16.11
N ILE B 104 -15.69 -14.88 -14.84
CA ILE B 104 -15.00 -15.67 -13.83
C ILE B 104 -15.88 -16.10 -12.63
N ALA B 105 -17.20 -15.98 -12.72
CA ALA B 105 -18.10 -16.40 -11.63
C ALA B 105 -19.49 -16.35 -12.20
N TYR B 106 -20.40 -17.04 -11.55
CA TYR B 106 -21.82 -16.83 -11.79
C TYR B 106 -22.46 -15.89 -10.73
N PRO B 107 -23.10 -14.82 -11.19
CA PRO B 107 -23.83 -14.01 -10.25
C PRO B 107 -25.05 -14.72 -9.69
N ILE B 108 -25.25 -14.50 -8.38
CA ILE B 108 -26.39 -15.08 -7.59
C ILE B 108 -27.39 -13.95 -7.21
N ALA B 109 -26.90 -12.89 -6.55
CA ALA B 109 -27.82 -11.92 -5.87
C ALA B 109 -27.22 -10.51 -5.93
N VAL B 110 -28.05 -9.48 -5.71
CA VAL B 110 -27.64 -8.12 -5.97
C VAL B 110 -28.03 -7.30 -4.75
N GLU B 111 -27.12 -6.43 -4.32
CA GLU B 111 -27.43 -5.57 -3.21
C GLU B 111 -26.92 -4.15 -3.39
N ALA B 112 -27.72 -3.21 -2.91
CA ALA B 112 -27.45 -1.80 -2.98
C ALA B 112 -28.30 -1.02 -1.93
N LEU B 113 -27.89 0.21 -1.65
CA LEU B 113 -28.64 1.09 -0.74
C LEU B 113 -29.96 1.52 -1.33
N SER B 114 -30.96 1.70 -0.45
CA SER B 114 -32.18 2.35 -0.81
C SER B 114 -32.53 3.44 0.21
N LEU B 115 -33.50 4.28 -0.18
CA LEU B 115 -34.05 5.26 0.76
C LEU B 115 -35.10 4.55 1.58
N ILE B 116 -34.92 4.57 2.91
CA ILE B 116 -35.87 3.93 3.82
C ILE B 116 -36.59 5.06 4.62
N TYR B 117 -37.93 5.00 4.66
CA TYR B 117 -38.78 6.07 5.20
C TYR B 117 -39.91 5.58 6.13
N ASN B 118 -40.23 6.41 7.10
CA ASN B 118 -41.26 6.13 8.11
C ASN B 118 -42.58 6.61 7.51
N LYS B 119 -43.48 5.69 7.21
CA LYS B 119 -44.75 6.01 6.55
C LYS B 119 -45.71 6.79 7.40
N ASP B 120 -45.54 6.69 8.72
CA ASP B 120 -46.32 7.46 9.72
C ASP B 120 -45.95 8.96 9.72
N LEU B 121 -44.66 9.26 9.88
CA LEU B 121 -44.12 10.60 9.73
C LEU B 121 -44.16 11.16 8.29
N LEU B 122 -44.05 10.28 7.31
CA LEU B 122 -43.79 10.77 5.94
C LEU B 122 -44.46 9.83 4.91
N PRO B 123 -45.76 10.02 4.69
CA PRO B 123 -46.37 8.99 3.85
C PRO B 123 -45.94 9.08 2.41
N ASN B 124 -45.49 10.25 1.97
CA ASN B 124 -45.04 10.42 0.58
C ASN B 124 -43.62 10.98 0.54
N PRO B 125 -42.64 10.07 0.40
CA PRO B 125 -41.24 10.48 0.56
C PRO B 125 -40.76 11.43 -0.55
N PRO B 126 -39.76 12.26 -0.25
CA PRO B 126 -39.37 13.19 -1.31
C PRO B 126 -38.73 12.44 -2.48
N LYS B 127 -38.89 12.97 -3.68
CA LYS B 127 -38.29 12.36 -4.88
C LYS B 127 -36.89 12.93 -5.20
N THR B 128 -36.59 14.09 -4.56
CA THR B 128 -35.40 14.91 -4.85
C THR B 128 -34.67 15.20 -3.54
N TRP B 129 -33.33 15.23 -3.62
CA TRP B 129 -32.52 15.69 -2.52
C TRP B 129 -32.83 17.17 -2.27
N GLU B 130 -33.10 17.91 -3.33
CA GLU B 130 -33.32 19.35 -3.25
C GLU B 130 -34.49 19.68 -2.31
N GLU B 131 -35.40 18.71 -2.13
CA GLU B 131 -36.60 18.87 -1.26
C GLU B 131 -36.31 18.80 0.22
N ILE B 132 -35.12 18.31 0.55
CA ILE B 132 -34.91 17.82 1.89
C ILE B 132 -34.82 18.93 2.97
N PRO B 133 -34.25 20.07 2.63
CA PRO B 133 -34.14 21.16 3.62
C PRO B 133 -35.53 21.71 4.05
N ALA B 134 -36.49 21.88 3.12
CA ALA B 134 -37.85 22.38 3.50
C ALA B 134 -38.56 21.32 4.31
N LEU B 135 -38.33 20.06 3.94
CA LEU B 135 -38.87 18.97 4.76
C LEU B 135 -38.33 18.92 6.18
N ASP B 136 -37.05 19.15 6.32
CA ASP B 136 -36.45 19.09 7.60
C ASP B 136 -36.99 20.21 8.49
N ARG B 137 -37.20 21.36 7.92
CA ARG B 137 -37.67 22.50 8.67
C ARG B 137 -39.05 22.20 9.19
N GLU B 138 -39.85 21.51 8.39
CA GLU B 138 -41.18 21.13 8.80
C GLU B 138 -41.09 20.16 9.99
N LEU B 139 -40.27 19.15 9.88
CA LEU B 139 -40.17 18.16 10.96
C LEU B 139 -39.50 18.69 12.23
N LYS B 140 -38.49 19.57 12.09
CA LYS B 140 -37.81 20.18 13.27
C LYS B 140 -38.83 20.95 14.14
N ALA B 141 -39.80 21.55 13.48
CA ALA B 141 -40.86 22.30 14.17
C ALA B 141 -41.77 21.33 14.92
N LYS B 142 -41.68 20.04 14.60
CA LYS B 142 -42.41 19.00 15.35
C LYS B 142 -41.53 18.16 16.28
N GLY B 143 -40.28 18.57 16.52
CA GLY B 143 -39.39 17.72 17.31
C GLY B 143 -38.69 16.56 16.57
N LYS B 144 -38.79 16.50 15.24
CA LYS B 144 -38.16 15.39 14.43
C LYS B 144 -37.09 15.94 13.41
N SER B 145 -36.59 15.06 12.53
CA SER B 145 -35.65 15.47 11.48
C SER B 145 -36.00 14.71 10.20
N ALA B 146 -35.62 15.24 9.05
CA ALA B 146 -36.03 14.66 7.80
C ALA B 146 -35.15 13.42 7.57
N LEU B 147 -33.86 13.52 7.87
CA LEU B 147 -32.92 12.52 7.33
C LEU B 147 -31.67 12.33 8.17
N MET B 148 -31.39 11.07 8.54
CA MET B 148 -30.13 10.70 9.25
C MET B 148 -29.59 9.41 8.63
N PHE B 149 -28.34 9.40 8.24
CA PHE B 149 -27.68 8.21 7.73
C PHE B 149 -26.21 8.34 8.06
N ASN B 150 -25.48 7.23 7.91
CA ASN B 150 -24.05 7.14 8.28
C ASN B 150 -23.23 8.04 7.40
N LEU B 151 -22.65 9.10 8.00
CA LEU B 151 -21.87 10.07 7.25
C LEU B 151 -20.40 9.76 7.32
N GLN B 152 -19.99 8.79 8.14
CA GLN B 152 -18.55 8.54 8.37
C GLN B 152 -17.99 7.63 7.31
N GLU B 153 -18.84 6.81 6.68
CA GLU B 153 -18.35 5.85 5.69
C GLU B 153 -18.84 6.27 4.31
N PRO B 154 -17.90 6.49 3.35
CA PRO B 154 -18.31 7.18 2.11
C PRO B 154 -19.07 6.23 1.15
N TYR B 155 -19.07 4.94 1.43
CA TYR B 155 -20.04 4.06 0.74
C TYR B 155 -21.52 4.61 0.82
N PHE B 156 -21.85 5.24 1.96
CA PHE B 156 -23.22 5.82 2.18
C PHE B 156 -23.43 7.19 1.54
N THR B 157 -22.36 7.95 1.44
CA THR B 157 -22.49 9.27 0.83
C THR B 157 -22.26 9.25 -0.67
N TRP B 158 -21.60 8.18 -1.14
CA TRP B 158 -21.34 8.04 -2.56
C TRP B 158 -22.53 8.24 -3.52
N PRO B 159 -23.72 7.70 -3.16
CA PRO B 159 -24.81 7.83 -4.15
C PRO B 159 -25.06 9.25 -4.61
N LEU B 160 -24.94 10.23 -3.69
CA LEU B 160 -25.16 11.62 -4.01
C LEU B 160 -23.99 12.26 -4.73
N ILE B 161 -22.78 11.91 -4.32
CA ILE B 161 -21.57 12.38 -5.01
C ILE B 161 -21.57 11.94 -6.46
N ALA B 162 -22.04 10.73 -6.73
CA ALA B 162 -21.94 10.18 -8.05
C ALA B 162 -23.10 10.64 -8.93
N ALA B 163 -24.17 11.13 -8.32
CA ALA B 163 -25.40 11.49 -9.04
C ALA B 163 -25.14 12.33 -10.28
N ASP B 164 -24.50 13.51 -10.13
CA ASP B 164 -24.25 14.49 -11.23
C ASP B 164 -22.94 14.22 -12.02
N GLY B 165 -22.28 13.09 -11.81
CA GLY B 165 -21.10 12.82 -12.66
C GLY B 165 -19.91 12.24 -11.94
N GLY B 166 -19.89 12.28 -10.62
CA GLY B 166 -18.76 11.68 -9.90
C GLY B 166 -18.62 10.21 -10.22
N TYR B 167 -17.39 9.78 -10.45
CA TYR B 167 -17.10 8.37 -10.68
C TYR B 167 -15.79 8.01 -9.93
N ALA B 168 -15.54 6.72 -9.71
CA ALA B 168 -14.37 6.30 -8.97
C ALA B 168 -13.15 6.18 -9.90
N PHE B 169 -12.96 5.02 -10.49
CA PHE B 169 -11.89 4.82 -11.50
C PHE B 169 -12.59 4.69 -12.84
N LYS B 170 -12.10 5.37 -13.87
CA LYS B 170 -12.68 5.22 -15.20
C LYS B 170 -12.55 3.76 -15.69
N TYR B 171 -13.60 3.32 -16.37
CA TYR B 171 -13.80 1.94 -16.68
C TYR B 171 -14.06 1.87 -18.17
N GLU B 172 -13.15 1.23 -18.89
CA GLU B 172 -13.18 1.19 -20.34
C GLU B 172 -12.44 -0.03 -20.86
N ASN B 173 -12.96 -0.59 -21.96
CA ASN B 173 -12.44 -1.84 -22.56
C ASN B 173 -12.26 -2.91 -21.48
N GLY B 174 -13.32 -3.09 -20.68
CA GLY B 174 -13.34 -4.06 -19.58
C GLY B 174 -12.23 -3.99 -18.51
N LYS B 175 -11.56 -2.83 -18.37
CA LYS B 175 -10.72 -2.62 -17.18
C LYS B 175 -10.84 -1.23 -16.53
N TYR B 176 -10.54 -1.18 -15.22
CA TYR B 176 -10.52 0.09 -14.50
C TYR B 176 -9.13 0.77 -14.60
N ASP B 177 -9.14 2.03 -14.97
CA ASP B 177 -7.92 2.80 -15.14
C ASP B 177 -7.57 3.56 -13.86
N ILE B 178 -6.66 3.01 -13.09
CA ILE B 178 -6.32 3.56 -11.76
C ILE B 178 -5.65 4.95 -11.81
N LYS B 179 -5.21 5.33 -13.01
CA LYS B 179 -4.61 6.65 -13.22
C LYS B 179 -5.70 7.73 -13.48
N ASP B 180 -6.91 7.34 -13.87
CA ASP B 180 -7.97 8.32 -14.14
C ASP B 180 -9.12 8.24 -13.10
N VAL B 181 -9.16 9.20 -12.17
CA VAL B 181 -10.06 9.19 -11.02
C VAL B 181 -11.12 10.29 -11.18
N GLY B 182 -12.41 9.99 -10.94
CA GLY B 182 -13.46 10.96 -11.32
C GLY B 182 -14.16 11.64 -10.16
N VAL B 183 -13.54 11.57 -8.99
CA VAL B 183 -14.12 12.08 -7.77
C VAL B 183 -13.90 13.59 -7.53
N ASP B 184 -13.13 14.26 -8.39
CA ASP B 184 -13.01 15.71 -8.28
C ASP B 184 -13.57 16.41 -9.49
N ASN B 185 -14.40 15.72 -10.30
CA ASN B 185 -15.04 16.47 -11.41
C ASN B 185 -16.17 17.39 -10.97
N ALA B 186 -16.73 18.19 -11.86
CA ALA B 186 -17.75 19.16 -11.43
C ALA B 186 -18.96 18.45 -10.78
N GLY B 187 -19.30 17.29 -11.30
CA GLY B 187 -20.39 16.44 -10.70
C GLY B 187 -20.16 16.00 -9.28
N ALA B 188 -18.97 15.49 -9.03
CA ALA B 188 -18.62 15.09 -7.69
C ALA B 188 -18.57 16.27 -6.73
N LYS B 189 -18.08 17.43 -7.19
CA LYS B 189 -18.05 18.62 -6.32
C LYS B 189 -19.44 19.14 -6.01
N ALA B 190 -20.32 19.19 -7.03
CA ALA B 190 -21.74 19.55 -6.82
C ALA B 190 -22.47 18.76 -5.70
N GLY B 191 -22.36 17.44 -5.73
CA GLY B 191 -23.04 16.60 -4.74
C GLY B 191 -22.39 16.70 -3.35
N LEU B 192 -21.07 16.66 -3.27
CA LEU B 192 -20.45 16.83 -1.95
C LEU B 192 -20.78 18.21 -1.34
N THR B 193 -20.78 19.25 -2.19
CA THR B 193 -21.21 20.59 -1.71
C THR B 193 -22.63 20.59 -1.21
N PHE B 194 -23.50 19.88 -1.90
CA PHE B 194 -24.88 19.71 -1.40
C PHE B 194 -24.88 19.06 -0.05
N LEU B 195 -24.07 18.04 0.10
CA LEU B 195 -24.06 17.33 1.38
C LEU B 195 -23.43 18.24 2.49
N VAL B 196 -22.38 18.96 2.12
CA VAL B 196 -21.69 19.82 3.10
C VAL B 196 -22.64 20.96 3.56
N ASP B 197 -23.42 21.49 2.62
CA ASP B 197 -24.43 22.52 2.91
C ASP B 197 -25.53 22.02 3.86
N LEU B 198 -25.92 20.73 3.76
CA LEU B 198 -26.95 20.16 4.63
C LEU B 198 -26.37 20.13 6.03
N ILE B 199 -25.06 19.91 6.14
CA ILE B 199 -24.45 19.91 7.46
C ILE B 199 -24.33 21.31 8.09
N LYS B 200 -23.85 22.26 7.30
CA LYS B 200 -23.73 23.67 7.71
C LYS B 200 -25.04 24.27 8.08
N ASN B 201 -26.05 23.83 7.36
CA ASN B 201 -27.36 24.38 7.56
C ASN B 201 -28.06 23.64 8.69
N LYS B 202 -27.32 22.77 9.40
CA LYS B 202 -27.87 21.93 10.48
C LYS B 202 -29.04 20.99 10.10
N HIS B 203 -29.13 20.59 8.84
CA HIS B 203 -30.12 19.55 8.53
C HIS B 203 -29.57 18.14 8.88
N MET B 204 -28.26 18.03 8.95
CA MET B 204 -27.58 16.86 9.35
C MET B 204 -26.39 17.26 10.18
N ASN B 205 -25.88 16.32 10.97
CA ASN B 205 -24.80 16.56 11.90
C ASN B 205 -23.58 15.79 11.44
N ALA B 206 -22.46 16.48 11.33
CA ALA B 206 -21.21 15.86 10.85
C ALA B 206 -20.79 14.60 11.62
N ASP B 207 -21.28 14.43 12.82
CA ASP B 207 -20.82 13.30 13.63
C ASP B 207 -21.70 12.06 13.49
N THR B 208 -22.80 12.12 12.74
CA THR B 208 -23.68 10.94 12.65
C THR B 208 -22.95 9.71 12.00
N ASP B 209 -22.98 8.57 12.68
CA ASP B 209 -22.39 7.33 12.24
C ASP B 209 -23.49 6.29 12.08
N TYR B 210 -23.09 5.04 11.87
CA TYR B 210 -24.07 3.94 11.61
C TYR B 210 -25.08 3.80 12.77
N SER B 211 -24.56 3.66 14.00
CA SER B 211 -25.37 3.41 15.26
C SER B 211 -26.40 4.49 15.52
N ILE B 212 -25.91 5.71 15.49
CA ILE B 212 -26.76 6.89 15.74
C ILE B 212 -27.93 6.94 14.76
N ALA B 213 -27.62 6.86 13.47
CA ALA B 213 -28.66 6.90 12.48
C ALA B 213 -29.63 5.73 12.61
N GLU B 214 -29.12 4.54 12.92
CA GLU B 214 -29.97 3.38 13.06
C GLU B 214 -30.93 3.55 14.25
N ALA B 215 -30.36 3.93 15.40
CA ALA B 215 -31.20 4.16 16.59
C ALA B 215 -32.28 5.25 16.38
N ALA B 216 -31.93 6.38 15.80
CA ALA B 216 -32.94 7.41 15.49
C ALA B 216 -34.10 7.00 14.53
N PHE B 217 -33.74 6.37 13.41
CA PHE B 217 -34.80 5.89 12.50
C PHE B 217 -35.66 4.85 13.24
N ASN B 218 -35.02 3.89 13.93
CA ASN B 218 -35.73 2.81 14.63
C ASN B 218 -36.54 3.24 15.87
N LYS B 219 -36.19 4.38 16.47
CA LYS B 219 -37.05 4.95 17.54
C LYS B 219 -38.09 5.97 17.05
N GLY B 220 -38.22 6.17 15.73
CA GLY B 220 -39.17 7.14 15.17
C GLY B 220 -38.79 8.61 15.30
N GLU B 221 -37.49 8.87 15.49
CA GLU B 221 -36.96 10.24 15.62
C GLU B 221 -36.66 11.00 14.30
N THR B 222 -36.36 10.25 13.22
CA THR B 222 -36.11 10.88 11.94
C THR B 222 -37.02 10.16 10.93
N ALA B 223 -37.50 10.89 9.93
CA ALA B 223 -38.41 10.34 8.94
C ALA B 223 -37.73 9.41 7.92
N MET B 224 -36.41 9.51 7.74
CA MET B 224 -35.76 8.87 6.58
C MET B 224 -34.38 8.43 6.97
N THR B 225 -33.89 7.32 6.34
CA THR B 225 -32.50 6.92 6.51
C THR B 225 -32.06 6.28 5.19
N ILE B 226 -30.76 5.98 5.12
CA ILE B 226 -30.21 5.39 3.88
C ILE B 226 -29.48 4.14 4.31
N ASN B 227 -30.02 2.99 3.91
CA ASN B 227 -29.40 1.77 4.36
C ASN B 227 -29.70 0.60 3.40
N GLY B 228 -29.08 -0.55 3.67
CA GLY B 228 -29.14 -1.64 2.68
C GLY B 228 -29.95 -2.74 3.38
N PRO B 229 -30.26 -3.83 2.66
CA PRO B 229 -31.15 -4.96 3.12
C PRO B 229 -30.74 -5.62 4.45
N TRP B 230 -29.46 -5.56 4.78
CA TRP B 230 -28.97 -6.07 6.07
C TRP B 230 -29.55 -5.33 7.30
N ALA B 231 -30.19 -4.19 7.08
CA ALA B 231 -30.77 -3.39 8.17
C ALA B 231 -32.25 -3.66 8.42
N TRP B 232 -32.91 -4.28 7.44
CA TRP B 232 -34.34 -4.53 7.54
C TRP B 232 -34.82 -5.23 8.79
N SER B 233 -34.08 -6.23 9.27
CA SER B 233 -34.63 -7.05 10.34
C SER B 233 -34.62 -6.30 11.68
N ASN B 234 -33.66 -5.39 11.88
CA ASN B 234 -33.73 -4.52 13.06
C ASN B 234 -34.91 -3.54 13.01
N ILE B 235 -35.19 -3.00 11.84
CA ILE B 235 -36.37 -2.16 11.67
C ILE B 235 -37.67 -2.98 11.85
N ASP B 236 -37.67 -4.24 11.39
CA ASP B 236 -38.87 -5.08 11.57
C ASP B 236 -39.24 -5.16 13.08
N THR B 237 -38.23 -5.54 13.88
CA THR B 237 -38.27 -5.61 15.35
C THR B 237 -38.76 -4.31 16.01
N SER B 238 -38.27 -3.16 15.52
CA SER B 238 -38.64 -1.85 16.10
C SER B 238 -40.12 -1.56 15.97
N LYS B 239 -40.76 -2.26 15.04
CA LYS B 239 -42.16 -2.08 14.68
C LYS B 239 -42.52 -0.77 13.96
N VAL B 240 -41.54 0.12 13.72
CA VAL B 240 -41.74 1.32 12.85
C VAL B 240 -42.38 0.88 11.55
N ASN B 241 -43.36 1.66 11.05
CA ASN B 241 -44.11 1.37 9.82
C ASN B 241 -43.29 1.99 8.69
N TYR B 242 -42.45 1.20 8.04
CA TYR B 242 -41.50 1.72 7.05
C TYR B 242 -41.78 1.28 5.65
N GLY B 243 -41.31 2.11 4.69
CA GLY B 243 -41.23 1.78 3.24
C GLY B 243 -39.78 1.81 2.80
N VAL B 244 -39.50 1.17 1.65
CA VAL B 244 -38.14 1.10 1.01
C VAL B 244 -38.37 1.51 -0.42
N THR B 245 -37.66 2.52 -0.91
CA THR B 245 -37.95 3.06 -2.22
C THR B 245 -36.68 3.60 -2.89
N VAL B 246 -36.90 4.17 -4.06
CA VAL B 246 -35.84 4.73 -4.85
C VAL B 246 -35.20 5.94 -4.13
N LEU B 247 -33.89 6.05 -4.25
CA LEU B 247 -33.16 7.18 -3.63
C LEU B 247 -33.63 8.48 -4.28
N PRO B 248 -33.51 9.62 -3.56
CA PRO B 248 -33.84 10.90 -4.19
C PRO B 248 -32.97 11.21 -5.41
N THR B 249 -33.46 12.02 -6.36
CA THR B 249 -32.63 12.43 -7.49
C THR B 249 -31.91 13.69 -7.04
N PHE B 250 -30.84 14.03 -7.74
CA PHE B 250 -30.08 15.26 -7.50
C PHE B 250 -29.79 15.89 -8.86
N LYS B 251 -30.02 17.20 -8.94
CA LYS B 251 -30.03 17.94 -10.22
C LYS B 251 -30.76 17.13 -11.35
N GLY B 252 -31.90 16.50 -10.98
CA GLY B 252 -32.71 15.68 -11.86
C GLY B 252 -32.09 14.38 -12.38
N GLN B 253 -31.02 13.92 -11.72
CA GLN B 253 -30.37 12.67 -12.09
C GLN B 253 -30.46 11.69 -10.94
N PRO B 254 -30.58 10.36 -11.22
CA PRO B 254 -30.71 9.38 -10.14
C PRO B 254 -29.46 9.35 -9.25
N SER B 255 -29.64 9.11 -7.96
CA SER B 255 -28.49 8.80 -7.09
C SER B 255 -27.98 7.44 -7.56
N LYS B 256 -26.67 7.27 -7.47
CA LYS B 256 -26.02 6.09 -8.03
C LYS B 256 -25.23 5.27 -6.99
N PRO B 257 -25.89 4.38 -6.26
CA PRO B 257 -25.20 3.61 -5.22
C PRO B 257 -24.31 2.55 -5.86
N PHE B 258 -23.30 2.10 -5.11
CA PHE B 258 -22.48 0.96 -5.57
C PHE B 258 -23.18 -0.40 -5.37
N VAL B 259 -23.06 -1.28 -6.35
CA VAL B 259 -23.77 -2.60 -6.27
C VAL B 259 -22.83 -3.69 -5.86
N GLY B 260 -23.24 -4.55 -4.91
CA GLY B 260 -22.49 -5.77 -4.53
C GLY B 260 -23.22 -7.03 -5.10
N VAL B 261 -22.51 -7.87 -5.85
CA VAL B 261 -23.12 -9.09 -6.45
C VAL B 261 -22.50 -10.33 -5.83
N LEU B 262 -23.27 -11.03 -4.97
CA LEU B 262 -22.88 -12.38 -4.46
C LEU B 262 -22.74 -13.28 -5.70
N SER B 263 -21.61 -13.96 -5.81
CA SER B 263 -21.28 -14.72 -6.98
C SER B 263 -20.66 -16.01 -6.58
N ALA B 264 -20.71 -16.99 -7.48
CA ALA B 264 -20.18 -18.32 -7.24
C ALA B 264 -19.05 -18.51 -8.24
N GLY B 265 -17.83 -18.65 -7.71
CA GLY B 265 -16.63 -18.86 -8.53
C GLY B 265 -16.21 -20.32 -8.49
N ILE B 266 -15.62 -20.81 -9.59
CA ILE B 266 -15.01 -22.16 -9.65
C ILE B 266 -13.47 -22.09 -9.46
N ASN B 267 -12.96 -22.81 -8.47
CA ASN B 267 -11.51 -22.94 -8.26
C ASN B 267 -10.76 -23.46 -9.52
N ALA B 268 -9.80 -22.64 -9.99
CA ALA B 268 -8.91 -22.97 -11.08
C ALA B 268 -8.31 -24.39 -10.96
N ALA B 269 -8.12 -24.85 -9.75
CA ALA B 269 -7.39 -26.09 -9.53
C ALA B 269 -8.36 -27.25 -9.28
N SER B 270 -9.67 -27.00 -9.43
CA SER B 270 -10.65 -28.08 -9.26
C SER B 270 -10.53 -29.11 -10.37
N PRO B 271 -10.61 -30.42 -10.02
CA PRO B 271 -10.78 -31.41 -11.08
C PRO B 271 -12.25 -31.65 -11.35
N ASN B 272 -13.11 -30.84 -10.74
CA ASN B 272 -14.57 -31.04 -10.83
C ASN B 272 -15.29 -29.86 -11.54
N LYS B 273 -14.60 -29.19 -12.47
CA LYS B 273 -15.19 -27.95 -13.07
C LYS B 273 -16.47 -28.27 -13.85
N GLU B 274 -16.53 -29.40 -14.55
CA GLU B 274 -17.73 -29.79 -15.26
C GLU B 274 -18.90 -30.11 -14.34
N LEU B 275 -18.64 -30.76 -13.21
CA LEU B 275 -19.71 -31.03 -12.26
C LEU B 275 -20.21 -29.71 -11.65
N ALA B 276 -19.24 -28.87 -11.29
CA ALA B 276 -19.55 -27.58 -10.68
C ALA B 276 -20.43 -26.73 -11.64
N LYS B 277 -20.13 -26.78 -12.97
CA LYS B 277 -20.95 -26.04 -13.96
C LYS B 277 -22.37 -26.60 -14.03
N GLU B 278 -22.53 -27.92 -13.94
CA GLU B 278 -23.91 -28.47 -14.04
C GLU B 278 -24.64 -28.23 -12.76
N PHE B 279 -23.94 -28.36 -11.64
CA PHE B 279 -24.52 -27.96 -10.37
C PHE B 279 -25.08 -26.50 -10.38
N LEU B 280 -24.26 -25.50 -10.75
CA LEU B 280 -24.65 -24.09 -10.67
C LEU B 280 -25.72 -23.71 -11.69
N GLU B 281 -25.56 -24.18 -12.92
CA GLU B 281 -26.44 -23.84 -13.99
C GLU B 281 -27.79 -24.51 -13.93
N ASN B 282 -27.79 -25.81 -13.60
CA ASN B 282 -29.04 -26.60 -13.66
C ASN B 282 -29.62 -26.97 -12.33
N TYR B 283 -28.97 -26.62 -11.24
CA TYR B 283 -29.60 -26.89 -9.97
C TYR B 283 -29.77 -25.64 -9.10
N LEU B 284 -28.70 -24.83 -8.99
CA LEU B 284 -28.78 -23.66 -8.14
C LEU B 284 -29.51 -22.49 -8.81
N LEU B 285 -29.05 -22.08 -9.99
CA LEU B 285 -29.58 -20.94 -10.68
C LEU B 285 -30.88 -21.29 -11.41
N THR B 286 -31.82 -21.83 -10.62
CA THR B 286 -33.17 -22.12 -11.08
C THR B 286 -34.17 -21.58 -10.04
N ASP B 287 -35.42 -21.41 -10.46
CA ASP B 287 -36.45 -20.95 -9.55
C ASP B 287 -36.45 -21.79 -8.26
N GLU B 288 -36.46 -23.13 -8.37
CA GLU B 288 -36.43 -24.01 -7.14
C GLU B 288 -35.11 -24.01 -6.38
N GLY B 289 -33.99 -23.90 -7.10
CA GLY B 289 -32.71 -23.81 -6.41
C GLY B 289 -32.63 -22.55 -5.55
N LEU B 290 -32.90 -21.40 -6.15
CA LEU B 290 -32.79 -20.12 -5.39
C LEU B 290 -33.83 -20.12 -4.27
N GLU B 291 -35.05 -20.55 -4.61
CA GLU B 291 -36.12 -20.64 -3.56
C GLU B 291 -35.65 -21.31 -2.31
N ALA B 292 -34.99 -22.47 -2.49
CA ALA B 292 -34.41 -23.22 -1.37
C ALA B 292 -33.43 -22.46 -0.47
N VAL B 293 -32.48 -21.79 -1.08
CA VAL B 293 -31.55 -20.98 -0.36
C VAL B 293 -32.29 -19.81 0.32
N ASN B 294 -33.15 -19.13 -0.45
CA ASN B 294 -33.85 -17.91 -0.02
C ASN B 294 -34.79 -18.14 1.18
N LYS B 295 -35.43 -19.33 1.19
CA LYS B 295 -36.25 -19.74 2.31
C LYS B 295 -35.44 -19.87 3.58
N ASP B 296 -34.18 -20.28 3.43
CA ASP B 296 -33.36 -20.48 4.62
C ASP B 296 -32.85 -19.11 5.10
N LYS B 297 -32.25 -18.32 4.20
CA LYS B 297 -32.03 -16.89 4.45
C LYS B 297 -32.22 -16.09 3.16
N PRO B 298 -33.01 -15.00 3.22
CA PRO B 298 -33.34 -14.24 1.99
C PRO B 298 -32.13 -13.70 1.25
N LEU B 299 -32.13 -13.95 -0.06
CA LEU B 299 -31.11 -13.47 -0.98
C LEU B 299 -31.24 -11.99 -1.33
N GLY B 300 -32.41 -11.42 -1.07
CA GLY B 300 -32.72 -10.10 -1.53
C GLY B 300 -33.07 -10.18 -2.99
N ALA B 301 -32.51 -9.27 -3.78
CA ALA B 301 -32.75 -9.22 -5.19
C ALA B 301 -31.81 -10.20 -5.91
N VAL B 302 -32.36 -11.07 -6.74
CA VAL B 302 -31.54 -12.07 -7.41
C VAL B 302 -31.24 -11.79 -8.89
N ALA B 303 -30.17 -12.44 -9.37
CA ALA B 303 -29.70 -12.22 -10.76
C ALA B 303 -30.59 -12.93 -11.80
N LEU B 304 -31.24 -14.02 -11.38
CA LEU B 304 -32.10 -14.84 -12.22
C LEU B 304 -33.45 -14.13 -12.50
N LYS B 305 -33.65 -13.79 -13.77
CA LYS B 305 -34.76 -12.96 -14.26
C LYS B 305 -36.09 -13.49 -13.80
N SER B 306 -36.29 -14.78 -13.99
CA SER B 306 -37.55 -15.47 -13.69
C SER B 306 -37.91 -15.50 -12.17
N TYR B 307 -36.91 -15.75 -11.31
CA TYR B 307 -37.11 -15.70 -9.86
C TYR B 307 -37.24 -14.26 -9.30
N GLU B 308 -36.47 -13.33 -9.84
CA GLU B 308 -36.53 -11.94 -9.40
C GLU B 308 -37.95 -11.35 -9.65
N GLU B 309 -38.58 -11.74 -10.76
CA GLU B 309 -39.96 -11.33 -10.97
C GLU B 309 -40.90 -11.68 -9.85
N GLU B 310 -40.72 -12.85 -9.23
CA GLU B 310 -41.51 -13.30 -8.06
C GLU B 310 -41.20 -12.57 -6.72
N LEU B 311 -39.91 -12.32 -6.49
CA LEU B 311 -39.43 -11.78 -5.22
C LEU B 311 -39.75 -10.32 -5.17
N ALA B 312 -39.76 -9.69 -6.34
CA ALA B 312 -39.96 -8.27 -6.43
C ALA B 312 -41.43 -7.82 -6.29
N LYS B 313 -42.35 -8.77 -6.12
CA LYS B 313 -43.69 -8.42 -5.62
C LYS B 313 -43.61 -8.04 -4.10
N ASP B 314 -42.42 -8.18 -3.51
CA ASP B 314 -42.05 -7.49 -2.26
C ASP B 314 -41.45 -6.14 -2.68
N PRO B 315 -42.17 -5.02 -2.44
CA PRO B 315 -41.69 -3.71 -2.91
C PRO B 315 -40.33 -3.29 -2.35
N ARG B 316 -39.90 -3.89 -1.27
CA ARG B 316 -38.60 -3.54 -0.71
C ARG B 316 -37.48 -4.11 -1.61
N ILE B 317 -37.74 -5.29 -2.18
CA ILE B 317 -36.78 -6.02 -3.02
C ILE B 317 -36.81 -5.36 -4.36
N ALA B 318 -38.00 -4.92 -4.82
CA ALA B 318 -38.11 -4.12 -6.06
C ALA B 318 -37.30 -2.83 -6.00
N ALA B 319 -37.36 -2.19 -4.87
CA ALA B 319 -36.59 -0.97 -4.70
C ALA B 319 -35.04 -1.23 -4.68
N THR B 320 -34.59 -2.28 -3.99
CA THR B 320 -33.20 -2.77 -4.03
C THR B 320 -32.73 -2.95 -5.45
N MET B 321 -33.53 -3.64 -6.24
CA MET B 321 -33.16 -3.87 -7.66
C MET B 321 -33.22 -2.57 -8.46
N GLU B 322 -34.24 -1.73 -8.23
CA GLU B 322 -34.33 -0.45 -8.92
C GLU B 322 -33.11 0.42 -8.66
N ASN B 323 -32.74 0.51 -7.40
CA ASN B 323 -31.55 1.33 -7.03
C ASN B 323 -30.27 0.69 -7.55
N ALA B 324 -30.20 -0.63 -7.53
CA ALA B 324 -29.01 -1.29 -8.11
C ALA B 324 -28.87 -1.02 -9.58
N GLN B 325 -30.00 -1.06 -10.33
CA GLN B 325 -29.94 -0.81 -11.82
C GLN B 325 -29.64 0.63 -12.14
N LYS B 326 -29.94 1.54 -11.21
CA LYS B 326 -29.54 2.92 -11.36
C LYS B 326 -28.08 3.20 -10.94
N GLY B 327 -27.48 2.31 -10.16
CA GLY B 327 -26.14 2.55 -9.65
C GLY B 327 -25.06 1.96 -10.54
N GLU B 328 -23.90 1.68 -9.96
CA GLU B 328 -22.81 1.10 -10.71
C GLU B 328 -22.24 -0.09 -9.93
N ILE B 329 -21.77 -1.10 -10.65
CA ILE B 329 -21.06 -2.21 -10.03
C ILE B 329 -19.84 -1.69 -9.28
N MET B 330 -19.66 -2.13 -8.04
CA MET B 330 -18.45 -1.84 -7.27
C MET B 330 -17.21 -2.40 -8.00
N PRO B 331 -16.21 -1.52 -8.29
CA PRO B 331 -15.00 -1.93 -8.95
C PRO B 331 -14.34 -3.11 -8.30
N ASN B 332 -14.01 -4.13 -9.10
CA ASN B 332 -13.35 -5.35 -8.53
C ASN B 332 -11.78 -5.32 -8.49
N ILE B 333 -11.20 -4.15 -8.26
CA ILE B 333 -9.70 -4.03 -8.17
C ILE B 333 -9.18 -3.83 -6.71
N PRO B 334 -7.90 -4.24 -6.41
CA PRO B 334 -7.46 -4.01 -5.00
C PRO B 334 -7.29 -2.51 -4.63
N GLN B 335 -7.17 -1.61 -5.59
CA GLN B 335 -7.03 -0.18 -5.28
C GLN B 335 -8.23 0.52 -4.58
N MET B 336 -9.38 -0.17 -4.55
CA MET B 336 -10.63 0.41 -4.08
C MET B 336 -10.55 0.61 -2.57
N SER B 337 -9.81 -0.25 -1.86
CA SER B 337 -9.74 0.04 -0.43
C SER B 337 -9.03 1.37 -0.20
N ALA B 338 -7.99 1.64 -0.98
CA ALA B 338 -7.26 2.91 -0.87
C ALA B 338 -8.20 4.01 -1.28
N PHE B 339 -8.93 3.80 -2.38
CA PHE B 339 -9.82 4.87 -2.88
C PHE B 339 -10.78 5.25 -1.76
N TRP B 340 -11.37 4.24 -1.13
CA TRP B 340 -12.33 4.49 -0.01
C TRP B 340 -11.66 5.20 1.17
N TYR B 341 -10.38 4.91 1.44
CA TYR B 341 -9.68 5.50 2.60
C TYR B 341 -9.48 7.00 2.31
N ALA B 342 -9.12 7.30 1.06
CA ALA B 342 -8.86 8.68 0.64
C ALA B 342 -10.19 9.46 0.60
N VAL B 343 -11.26 8.83 0.11
CA VAL B 343 -12.56 9.58 -0.01
C VAL B 343 -13.16 9.79 1.36
N ARG B 344 -12.95 8.81 2.23
CA ARG B 344 -13.45 8.84 3.61
C ARG B 344 -12.90 10.05 4.36
N THR B 345 -11.58 10.29 4.23
CA THR B 345 -10.90 11.45 4.77
C THR B 345 -11.41 12.76 4.11
N ALA B 346 -11.50 12.77 2.79
CA ALA B 346 -11.94 13.99 2.05
C ALA B 346 -13.34 14.43 2.54
N VAL B 347 -14.24 13.47 2.72
CA VAL B 347 -15.61 13.87 3.14
C VAL B 347 -15.60 14.31 4.60
N ILE B 348 -14.92 13.55 5.49
CA ILE B 348 -14.73 14.05 6.87
C ILE B 348 -14.17 15.48 6.88
N ASN B 349 -13.12 15.73 6.10
CA ASN B 349 -12.48 17.04 6.10
C ASN B 349 -13.41 18.15 5.52
N ALA B 350 -14.07 17.87 4.39
CA ALA B 350 -15.01 18.86 3.80
C ALA B 350 -16.15 19.16 4.81
N ALA B 351 -16.73 18.10 5.36
CA ALA B 351 -17.77 18.19 6.39
C ALA B 351 -17.41 19.03 7.62
N SER B 352 -16.12 19.01 8.00
CA SER B 352 -15.65 19.64 9.24
C SER B 352 -15.02 21.01 8.96
N GLY B 353 -15.01 21.44 7.70
CA GLY B 353 -14.29 22.67 7.33
C GLY B 353 -12.77 22.60 7.45
N ARG B 354 -12.21 21.44 7.73
CA ARG B 354 -10.75 21.31 7.71
C ARG B 354 -10.18 21.60 6.31
N GLN B 355 -10.98 21.33 5.26
CA GLN B 355 -10.68 21.62 3.84
C GLN B 355 -11.95 22.15 3.15
N THR B 356 -11.80 22.81 2.01
CA THR B 356 -12.97 23.14 1.18
C THR B 356 -13.24 21.86 0.40
N VAL B 357 -14.45 21.70 -0.14
CA VAL B 357 -14.78 20.63 -1.10
C VAL B 357 -13.76 20.49 -2.24
N ASP B 358 -13.43 21.61 -2.89
CA ASP B 358 -12.48 21.64 -4.01
C ASP B 358 -11.15 21.00 -3.62
N GLU B 359 -10.54 21.45 -2.54
CA GLU B 359 -9.28 20.84 -2.10
C GLU B 359 -9.38 19.42 -1.56
N ALA B 360 -10.41 19.06 -0.76
CA ALA B 360 -10.57 17.66 -0.26
C ALA B 360 -10.69 16.64 -1.38
N LEU B 361 -11.47 16.99 -2.40
CA LEU B 361 -11.72 16.07 -3.52
C LEU B 361 -10.52 16.06 -4.45
N LYS B 362 -9.86 17.21 -4.63
CA LYS B 362 -8.60 17.21 -5.41
C LYS B 362 -7.63 16.22 -4.78
N ASP B 363 -7.53 16.20 -3.45
CA ASP B 363 -6.64 15.26 -2.77
C ASP B 363 -7.03 13.80 -2.90
N ALA B 364 -8.33 13.56 -2.96
CA ALA B 364 -8.79 12.18 -3.07
C ALA B 364 -8.66 11.65 -4.49
N ALA B 365 -8.78 12.51 -5.49
CA ALA B 365 -8.65 12.11 -6.89
C ALA B 365 -7.19 11.86 -7.20
N ASP B 366 -6.30 12.71 -6.69
CA ASP B 366 -4.90 12.50 -7.06
C ASP B 366 -4.05 12.49 -5.82
N PRO B 367 -3.99 11.34 -5.10
CA PRO B 367 -3.31 11.38 -3.83
C PRO B 367 -1.84 11.71 -4.03
N GLY B 368 -1.29 12.47 -3.10
CA GLY B 368 0.12 12.82 -3.15
C GLY B 368 0.81 12.02 -2.07
N TYR B 369 2.10 12.30 -1.88
CA TYR B 369 2.85 11.61 -0.79
C TYR B 369 2.34 11.98 0.62
N ASP B 370 1.64 13.11 0.69
CA ASP B 370 1.01 13.56 1.94
C ASP B 370 -0.30 12.82 2.29
N SER B 371 -0.70 11.89 1.44
CA SER B 371 -2.05 11.30 1.56
C SER B 371 -2.14 10.26 2.67
N ILE B 372 -3.31 10.22 3.31
CA ILE B 372 -3.58 9.18 4.26
C ILE B 372 -3.24 7.78 3.72
N ILE B 373 -3.49 7.53 2.41
CA ILE B 373 -3.16 6.21 1.84
C ILE B 373 -1.63 5.82 1.92
N TYR B 374 -0.73 6.80 2.04
CA TYR B 374 0.72 6.44 2.10
C TYR B 374 1.35 6.58 3.49
N ARG B 375 0.48 6.81 4.48
CA ARG B 375 0.89 6.82 5.88
C ARG B 375 1.01 5.36 6.32
N MET B 376 1.80 5.10 7.35
CA MET B 376 1.56 3.88 8.12
C MET B 376 0.64 4.13 9.31
N THR B 377 1.02 5.12 10.15
CA THR B 377 0.39 5.42 11.48
C THR B 377 -0.89 4.66 11.86
O1 PG4 C . 18.01 -2.06 -3.68
C1 PG4 C . 18.43 -0.99 -2.82
C2 PG4 C . 19.96 -0.91 -2.86
O2 PG4 C . 20.48 -1.54 -1.70
C3 PG4 C . 21.87 -1.37 -1.50
C4 PG4 C . 22.36 -2.67 -0.88
O3 PG4 C . 22.33 -3.66 -1.91
C5 PG4 C . 22.92 -4.88 -1.48
C6 PG4 C . 23.30 -5.70 -2.70
O4 PG4 C . 22.20 -6.45 -3.23
C7 PG4 C . 22.74 -7.31 -4.21
C8 PG4 C . 21.64 -8.01 -5.01
O5 PG4 C . 20.80 -7.01 -5.61
C1 GOL D . -2.17 9.99 -13.38
O1 GOL D . -3.29 10.42 -12.66
C2 GOL D . -1.02 10.53 -12.57
O2 GOL D . -0.18 11.57 -13.05
C3 GOL D . -0.77 9.90 -11.24
O3 GOL D . -1.13 10.84 -10.24
C1 GOL E . 43.59 6.71 16.45
O1 GOL E . 42.35 6.00 16.55
C2 GOL E . 43.42 8.22 16.22
O2 GOL E . 42.72 8.57 15.01
C3 GOL E . 42.81 8.98 17.40
O3 GOL E . 42.52 8.18 18.50
MG MG F . 29.67 13.40 29.57
O1 PG4 G . -21.62 -0.91 11.54
C1 PG4 G . -21.39 -2.13 10.85
C2 PG4 G . -22.67 -2.52 10.11
O2 PG4 G . -22.37 -2.71 8.73
C3 PG4 G . -23.29 -3.61 8.14
C4 PG4 G . -22.87 -3.97 6.72
O3 PG4 G . -22.71 -2.80 5.89
C5 PG4 G . -22.08 -3.13 4.65
C6 PG4 G . -22.18 -1.96 3.67
O4 PG4 G . -20.87 -1.51 3.36
C7 PG4 G . -20.44 -0.60 4.34
C8 PG4 G . -19.00 -0.16 4.12
O5 PG4 G . -18.45 -0.14 5.45
C1 GOL H . -18.36 -20.79 10.22
O1 GOL H . -17.39 -19.99 10.90
C2 GOL H . -19.73 -20.13 10.26
O2 GOL H . -19.82 -18.92 9.52
C3 GOL H . -20.12 -19.96 11.72
O3 GOL H . -20.91 -21.09 11.95
#